data_3OQN
#
_entry.id   3OQN
#
_cell.length_a   73.930
_cell.length_b   103.510
_cell.length_c   175.340
_cell.angle_alpha   90.00
_cell.angle_beta   90.00
_cell.angle_gamma   90.00
#
_symmetry.space_group_name_H-M   'P 21 21 21'
#
loop_
_entity.id
_entity.type
_entity.pdbx_description
1 polymer 'Catabolite control protein A'
2 polymer 'Phosphocarrier protein HPr'
3 polymer "5'-D(*TP*TP*GP*AP*AP*AP*GP*CP*GP*GP*TP*AP*CP*CP*AP*T)-3'"
4 polymer "5'-D(*AP*TP*GP*GP*TP*AP*CP*CP*GP*CP*TP*TP*TP*CP*AP*A)-3'"
#
loop_
_entity_poly.entity_id
_entity_poly.type
_entity_poly.pdbx_seq_one_letter_code
_entity_poly.pdbx_strand_id
1 'polypeptide(L)'
;MNITIYDVAREANVSMATVSRVVNGNPNVKPTTRKKVLEAIERLGYRPNAVARGLASKKTTTVGVIIPDISSIFYSELAR
GIEDIATMYKYNIILSNSDQNMEKELHLLNTMLGKQVDGIVFMGGNITDEHVAEFKRSPVPIVLAASVEEQEETPSVAID
YEQAIYDAVKLLVDKGHTDIAFVSGPMAEPINRSKKLQGYKRALEEANLPFNEQFVAEGDYTYDSGLEALQHLMSLDKKP
TAILSATDEMALGIIHAAQDQGLSIPEDLDIIGFDNTRLSLMVRPQLSTVVQPTYDIGAVAMRLLTKLMNKEPVEEHIVE
LPHRIELRKSTKSHHHHHH
;
A,C
2 'polypeptide(L)'
;AQKTFKVTADSGIHARPATVLVQTASKYDADVNLEYNGKTVNLK(SEP)IMGVMSLGIAKGAEITISASGADENDALNAL
EETMKSEGLGE
;
S,D
3 'polydeoxyribonucleotide' (DT)(DT)(DG)(DA)(DA)(DA)(DG)(DC)(DG)(DG)(DT)(DA)(DC)(DC)(DA)(DT) E
4 'polydeoxyribonucleotide' (DA)(DT)(DG)(DG)(DT)(DA)(DC)(DC)(DG)(DC)(DT)(DT)(DT)(DC)(DA)(DA) B
#
loop_
_chem_comp.id
_chem_comp.type
_chem_comp.name
_chem_comp.formula
DA DNA linking 2'-DEOXYADENOSINE-5'-MONOPHOSPHATE 'C10 H14 N5 O6 P'
DC DNA linking 2'-DEOXYCYTIDINE-5'-MONOPHOSPHATE 'C9 H14 N3 O7 P'
DG DNA linking 2'-DEOXYGUANOSINE-5'-MONOPHOSPHATE 'C10 H14 N5 O7 P'
DT DNA linking THYMIDINE-5'-MONOPHOSPHATE 'C10 H15 N2 O8 P'
#
# COMPACT_ATOMS: atom_id res chain seq x y z
N MET A 1 36.16 -1.92 5.67
CA MET A 1 37.39 -1.07 5.69
C MET A 1 37.15 0.33 5.14
N ASN A 2 36.10 0.46 4.31
CA ASN A 2 35.73 1.72 3.66
C ASN A 2 35.03 2.68 4.62
N ILE A 3 35.73 3.73 5.03
CA ILE A 3 35.21 4.74 5.97
C ILE A 3 34.36 4.14 7.08
N THR A 4 35.02 3.47 8.02
CA THR A 4 34.35 2.85 9.14
C THR A 4 34.57 3.67 10.39
N ILE A 5 33.96 3.24 11.49
CA ILE A 5 34.08 3.93 12.77
C ILE A 5 35.55 4.01 13.16
N TYR A 6 36.28 2.93 12.95
CA TYR A 6 37.67 2.92 13.29
C TYR A 6 38.39 4.04 12.51
N ASP A 7 38.01 4.26 11.25
CA ASP A 7 38.66 5.33 10.47
C ASP A 7 38.43 6.70 11.12
N VAL A 8 37.19 6.96 11.54
CA VAL A 8 36.82 8.23 12.19
C VAL A 8 37.58 8.44 13.49
N ALA A 9 37.80 7.34 14.21
CA ALA A 9 38.49 7.37 15.47
C ALA A 9 39.90 7.92 15.28
N ARG A 10 40.68 7.34 14.38
CA ARG A 10 42.01 7.86 14.15
C ARG A 10 41.91 9.27 13.63
N GLU A 11 41.18 9.45 12.53
CA GLU A 11 41.03 10.79 11.97
C GLU A 11 40.69 11.84 13.02
N ALA A 12 39.67 11.60 13.84
CA ALA A 12 39.30 12.56 14.87
C ALA A 12 40.24 12.44 16.05
N ASN A 13 41.28 11.64 15.90
CA ASN A 13 42.27 11.47 16.94
C ASN A 13 41.67 11.13 18.31
N VAL A 14 40.93 10.03 18.36
CA VAL A 14 40.31 9.58 19.58
C VAL A 14 40.24 8.05 19.52
N SER A 15 39.27 7.45 20.16
CA SER A 15 39.18 6.01 20.15
C SER A 15 37.84 5.53 19.64
N MET A 16 37.83 4.33 19.07
CA MET A 16 36.59 3.73 18.56
C MET A 16 35.47 3.93 19.54
N ALA A 17 35.72 3.58 20.80
CA ALA A 17 34.75 3.70 21.86
C ALA A 17 34.18 5.12 21.93
N THR A 18 35.07 6.09 21.97
CA THR A 18 34.63 7.47 22.04
C THR A 18 33.76 7.85 20.83
N VAL A 19 34.25 7.53 19.63
CA VAL A 19 33.53 7.83 18.39
C VAL A 19 32.11 7.31 18.46
N SER A 20 32.00 6.06 18.91
CA SER A 20 30.73 5.38 19.08
C SER A 20 29.77 6.21 19.97
N ARG A 21 30.30 6.77 21.07
CA ARG A 21 29.50 7.58 21.98
C ARG A 21 29.04 8.80 21.23
N VAL A 22 29.97 9.49 20.59
CA VAL A 22 29.57 10.67 19.84
C VAL A 22 28.47 10.31 18.86
N VAL A 23 28.74 9.31 18.00
CA VAL A 23 27.77 8.86 17.00
C VAL A 23 26.41 8.66 17.64
N ASN A 24 26.37 7.87 18.70
CA ASN A 24 25.13 7.59 19.41
C ASN A 24 24.54 8.75 20.19
N GLY A 25 25.38 9.68 20.63
CA GLY A 25 24.88 10.82 21.38
C GLY A 25 25.02 10.73 22.89
N ASN A 26 25.95 9.89 23.34
CA ASN A 26 26.25 9.72 24.76
C ASN A 26 26.69 11.11 25.24
N PRO A 27 26.16 11.58 26.38
CA PRO A 27 26.47 12.88 26.98
C PRO A 27 27.87 13.00 27.58
N ASN A 28 28.47 11.86 27.93
CA ASN A 28 29.81 11.84 28.51
C ASN A 28 30.92 12.14 27.49
N VAL A 29 30.83 13.32 26.88
CA VAL A 29 31.81 13.77 25.90
C VAL A 29 32.12 15.24 26.12
N LYS A 30 33.38 15.60 25.93
CA LYS A 30 33.81 16.98 26.10
C LYS A 30 33.36 17.70 24.82
N PRO A 31 32.60 18.78 24.97
CA PRO A 31 32.11 19.57 23.82
C PRO A 31 33.17 19.80 22.76
N THR A 32 34.43 19.78 23.18
CA THR A 32 35.53 19.98 22.25
C THR A 32 35.87 18.67 21.54
N THR A 33 35.75 17.56 22.26
CA THR A 33 36.05 16.23 21.71
C THR A 33 34.97 15.84 20.69
N ARG A 34 33.71 15.95 21.09
CA ARG A 34 32.62 15.62 20.20
C ARG A 34 32.80 16.37 18.89
N LYS A 35 32.92 17.67 18.99
CA LYS A 35 33.12 18.53 17.83
C LYS A 35 34.20 17.91 16.92
N LYS A 36 35.34 17.55 17.50
CA LYS A 36 36.44 16.97 16.71
C LYS A 36 35.95 15.85 15.79
N VAL A 37 35.33 14.84 16.40
CA VAL A 37 34.83 13.68 15.67
C VAL A 37 33.67 13.99 14.72
N LEU A 38 32.76 14.87 15.13
CA LEU A 38 31.64 15.22 14.26
C LEU A 38 32.18 15.78 12.95
N GLU A 39 33.21 16.60 13.04
CA GLU A 39 33.83 17.19 11.86
C GLU A 39 34.57 16.14 11.05
N ALA A 40 35.13 15.16 11.75
CA ALA A 40 35.88 14.08 11.10
C ALA A 40 34.89 13.17 10.41
N ILE A 41 33.77 12.91 11.09
CA ILE A 41 32.74 12.07 10.51
C ILE A 41 32.28 12.77 9.25
N GLU A 42 32.15 14.08 9.34
CA GLU A 42 31.74 14.88 8.20
C GLU A 42 32.78 14.80 7.09
N ARG A 43 34.02 15.11 7.45
CA ARG A 43 35.13 15.09 6.49
C ARG A 43 35.33 13.74 5.81
N LEU A 44 34.96 12.66 6.46
CA LEU A 44 35.13 11.34 5.85
C LEU A 44 33.86 10.81 5.20
N GLY A 45 32.77 11.59 5.26
CA GLY A 45 31.52 11.12 4.70
C GLY A 45 31.20 9.74 5.26
N TYR A 46 31.13 9.67 6.59
CA TYR A 46 30.87 8.41 7.25
C TYR A 46 29.39 8.19 7.46
N ARG A 47 28.97 6.95 7.33
CA ARG A 47 27.57 6.64 7.59
C ARG A 47 27.65 5.37 8.44
N PRO A 48 27.07 5.41 9.63
CA PRO A 48 27.11 4.24 10.48
C PRO A 48 26.38 3.09 9.83
N ASN A 49 26.97 1.91 9.92
CA ASN A 49 26.40 0.70 9.37
C ASN A 49 25.43 0.02 10.35
N ALA A 50 24.15 0.15 10.05
CA ALA A 50 23.07 -0.40 10.87
C ALA A 50 23.10 -1.93 11.03
N VAL A 51 23.59 -2.66 10.04
CA VAL A 51 23.63 -4.12 10.13
C VAL A 51 24.57 -4.55 11.25
N ALA A 52 25.72 -3.90 11.32
CA ALA A 52 26.71 -4.16 12.35
C ALA A 52 26.05 -3.96 13.68
N ARG A 53 25.52 -2.76 13.88
CA ARG A 53 24.85 -2.38 15.10
C ARG A 53 23.87 -3.50 15.41
N GLY A 54 23.09 -3.86 14.41
CA GLY A 54 22.11 -4.93 14.56
C GLY A 54 22.62 -6.15 15.28
N LEU A 55 23.74 -6.69 14.80
CA LEU A 55 24.36 -7.89 15.39
C LEU A 55 24.81 -7.64 16.83
N ALA A 56 25.40 -6.47 17.02
CA ALA A 56 25.92 -6.04 18.31
C ALA A 56 24.85 -5.75 19.36
N SER A 57 23.89 -4.89 19.00
CA SER A 57 22.84 -4.47 19.91
C SER A 57 21.67 -5.44 20.08
N LYS A 58 21.61 -6.47 19.25
CA LYS A 58 20.54 -7.49 19.32
C LYS A 58 19.15 -6.95 18.96
N LYS A 59 19.08 -5.98 18.05
CA LYS A 59 17.80 -5.41 17.64
C LYS A 59 17.99 -4.60 16.37
N THR A 60 17.11 -4.80 15.40
CA THR A 60 17.21 -4.13 14.09
C THR A 60 16.32 -2.91 13.90
N THR A 61 15.59 -2.53 14.94
CA THR A 61 14.69 -1.38 14.87
C THR A 61 13.86 -1.46 13.61
N THR A 62 13.40 -2.66 13.29
CA THR A 62 12.54 -2.85 12.14
C THR A 62 11.55 -3.94 12.48
N VAL A 63 10.33 -3.80 11.97
CA VAL A 63 9.30 -4.79 12.19
C VAL A 63 8.75 -5.31 10.87
N GLY A 64 8.44 -6.60 10.88
CA GLY A 64 7.89 -7.24 9.70
C GLY A 64 6.38 -7.17 9.67
N VAL A 65 5.85 -6.77 8.51
CA VAL A 65 4.42 -6.67 8.31
C VAL A 65 4.03 -7.71 7.25
N ILE A 66 3.21 -8.66 7.67
CA ILE A 66 2.69 -9.72 6.83
C ILE A 66 1.24 -9.29 6.55
N ILE A 67 1.01 -8.70 5.40
CA ILE A 67 -0.33 -8.24 4.98
C ILE A 67 -0.69 -9.10 3.80
N PRO A 68 -1.99 -9.33 3.55
CA PRO A 68 -2.36 -10.17 2.41
C PRO A 68 -2.12 -9.53 1.04
N ASP A 69 -2.62 -8.32 0.84
CA ASP A 69 -2.39 -7.64 -0.44
C ASP A 69 -2.33 -6.13 -0.30
N ILE A 70 -1.14 -5.57 -0.50
CA ILE A 70 -0.94 -4.13 -0.38
C ILE A 70 -1.69 -3.29 -1.40
N SER A 71 -2.28 -3.90 -2.42
CA SER A 71 -2.99 -3.09 -3.42
C SER A 71 -4.46 -2.92 -3.08
N SER A 72 -4.86 -3.45 -1.94
CA SER A 72 -6.24 -3.38 -1.45
C SER A 72 -6.53 -2.00 -0.86
N ILE A 73 -7.63 -1.39 -1.30
CA ILE A 73 -8.03 -0.08 -0.81
C ILE A 73 -7.97 -0.06 0.73
N PHE A 74 -8.43 -1.15 1.35
CA PHE A 74 -8.46 -1.30 2.81
C PHE A 74 -7.10 -1.66 3.38
N TYR A 75 -6.59 -2.83 2.99
CA TYR A 75 -5.29 -3.28 3.49
C TYR A 75 -4.21 -2.23 3.31
N SER A 76 -4.29 -1.47 2.22
CA SER A 76 -3.32 -0.42 1.94
C SER A 76 -3.41 0.72 2.93
N GLU A 77 -4.64 1.15 3.17
CA GLU A 77 -4.94 2.23 4.10
C GLU A 77 -4.55 1.81 5.50
N LEU A 78 -4.72 0.52 5.76
CA LEU A 78 -4.40 -0.05 7.06
C LEU A 78 -2.89 -0.01 7.24
N ALA A 79 -2.17 -0.45 6.20
CA ALA A 79 -0.72 -0.44 6.23
C ALA A 79 -0.21 0.92 6.64
N ARG A 80 -0.58 1.96 5.90
CA ARG A 80 -0.14 3.31 6.20
C ARG A 80 -0.09 3.55 7.70
N GLY A 81 -1.23 3.41 8.37
CA GLY A 81 -1.27 3.61 9.82
C GLY A 81 -0.10 2.98 10.56
N ILE A 82 0.06 1.67 10.37
CA ILE A 82 1.15 0.90 10.94
C ILE A 82 2.48 1.62 10.68
N GLU A 83 2.68 2.04 9.43
CA GLU A 83 3.88 2.74 8.94
C GLU A 83 4.10 4.14 9.59
N ASP A 84 3.04 4.94 9.68
CA ASP A 84 3.19 6.27 10.28
C ASP A 84 3.56 6.14 11.74
N ILE A 85 3.10 5.07 12.37
CA ILE A 85 3.41 4.85 13.78
C ILE A 85 4.74 4.13 13.98
N ALA A 86 5.30 3.60 12.91
CA ALA A 86 6.57 2.92 13.04
C ALA A 86 7.65 3.98 13.03
N THR A 87 7.53 4.95 12.11
CA THR A 87 8.50 6.03 12.05
C THR A 87 8.43 6.77 13.36
N MET A 88 7.21 6.98 13.84
CA MET A 88 7.04 7.68 15.10
C MET A 88 7.91 7.08 16.20
N TYR A 89 8.02 5.76 16.23
CA TYR A 89 8.83 5.12 17.25
C TYR A 89 10.17 4.58 16.78
N LYS A 90 10.79 5.30 15.85
CA LYS A 90 12.09 4.97 15.29
C LYS A 90 12.14 3.51 14.85
N TYR A 91 11.16 3.10 14.07
CA TYR A 91 11.10 1.73 13.58
C TYR A 91 10.93 1.67 12.08
N ASN A 92 11.45 0.60 11.48
CA ASN A 92 11.34 0.42 10.06
C ASN A 92 10.43 -0.74 9.65
N ILE A 93 9.90 -0.70 8.43
CA ILE A 93 8.96 -1.75 8.01
C ILE A 93 9.43 -2.70 6.90
N ILE A 94 9.08 -3.98 7.01
CA ILE A 94 9.41 -4.96 5.96
C ILE A 94 8.06 -5.49 5.47
N LEU A 95 7.56 -4.88 4.40
CA LEU A 95 6.27 -5.21 3.83
C LEU A 95 6.33 -6.43 2.91
N SER A 96 5.31 -7.27 2.95
CA SER A 96 5.27 -8.43 2.09
C SER A 96 3.86 -9.03 2.00
N ASN A 97 3.40 -9.24 0.76
CA ASN A 97 2.06 -9.76 0.48
C ASN A 97 1.91 -11.27 0.63
N SER A 98 0.91 -11.70 1.39
CA SER A 98 0.68 -13.12 1.63
C SER A 98 -0.45 -13.69 0.77
N ASP A 99 -1.40 -12.82 0.41
CA ASP A 99 -2.54 -13.21 -0.41
C ASP A 99 -3.33 -14.30 0.27
N GLN A 100 -3.52 -14.13 1.57
CA GLN A 100 -4.27 -15.07 2.36
C GLN A 100 -3.78 -16.50 2.16
N ASN A 101 -2.60 -16.67 1.53
CA ASN A 101 -2.09 -18.01 1.35
C ASN A 101 -1.36 -18.48 2.58
N MET A 102 -1.96 -19.40 3.33
CA MET A 102 -1.34 -19.88 4.56
C MET A 102 0.13 -20.19 4.39
N GLU A 103 0.47 -21.05 3.45
CA GLU A 103 1.86 -21.42 3.19
C GLU A 103 2.80 -20.19 3.19
N LYS A 104 2.43 -19.17 2.43
CA LYS A 104 3.19 -17.93 2.31
C LYS A 104 3.21 -17.12 3.60
N GLU A 105 2.12 -17.17 4.34
CA GLU A 105 2.03 -16.44 5.60
C GLU A 105 3.02 -16.99 6.65
N LEU A 106 2.96 -18.30 6.91
CA LEU A 106 3.85 -18.94 7.88
C LEU A 106 5.30 -18.85 7.43
N HIS A 107 5.48 -18.70 6.12
CA HIS A 107 6.79 -18.60 5.53
C HIS A 107 7.35 -17.23 5.93
N LEU A 108 6.77 -16.17 5.37
CA LEU A 108 7.19 -14.80 5.67
C LEU A 108 7.41 -14.60 7.17
N LEU A 109 6.60 -15.30 7.97
CA LEU A 109 6.74 -15.20 9.41
C LEU A 109 8.20 -15.51 9.74
N ASN A 110 8.68 -16.63 9.23
CA ASN A 110 10.06 -17.07 9.45
C ASN A 110 11.08 -16.15 8.84
N THR A 111 10.92 -15.85 7.55
CA THR A 111 11.87 -14.97 6.87
C THR A 111 12.19 -13.76 7.75
N MET A 112 11.15 -13.12 8.24
CA MET A 112 11.29 -11.95 9.07
C MET A 112 11.92 -12.36 10.39
N LEU A 113 11.40 -13.44 10.99
CA LEU A 113 11.95 -13.92 12.24
C LEU A 113 13.47 -14.20 12.13
N GLY A 114 13.92 -14.56 10.93
CA GLY A 114 15.34 -14.80 10.73
C GLY A 114 16.07 -13.49 10.53
N LYS A 115 15.40 -12.57 9.85
CA LYS A 115 15.92 -11.23 9.56
C LYS A 115 16.06 -10.41 10.84
N GLN A 116 15.88 -11.10 11.97
CA GLN A 116 15.99 -10.49 13.30
C GLN A 116 15.12 -9.26 13.50
N VAL A 117 13.85 -9.34 13.15
CA VAL A 117 12.96 -8.19 13.34
C VAL A 117 12.75 -8.05 14.84
N ASP A 118 12.44 -6.84 15.28
CA ASP A 118 12.18 -6.60 16.70
C ASP A 118 10.73 -6.99 17.02
N GLY A 119 9.87 -6.98 16.00
CA GLY A 119 8.48 -7.32 16.19
C GLY A 119 7.71 -7.49 14.89
N ILE A 120 6.49 -8.03 15.00
CA ILE A 120 5.65 -8.28 13.83
C ILE A 120 4.17 -7.88 13.95
N VAL A 121 3.65 -7.26 12.91
CA VAL A 121 2.25 -6.85 12.83
C VAL A 121 1.69 -7.72 11.70
N PHE A 122 0.97 -8.75 12.09
CA PHE A 122 0.39 -9.72 11.16
C PHE A 122 -1.05 -9.36 10.86
N MET A 123 -1.46 -9.57 9.61
CA MET A 123 -2.81 -9.28 9.13
C MET A 123 -3.29 -10.41 8.25
N GLY A 124 -4.31 -11.13 8.68
CA GLY A 124 -4.79 -12.23 7.88
C GLY A 124 -6.29 -12.37 7.85
N GLY A 125 -6.74 -13.47 7.25
CA GLY A 125 -8.17 -13.71 7.14
C GLY A 125 -8.59 -15.00 7.81
N ASN A 126 -7.66 -15.91 8.03
CA ASN A 126 -7.98 -17.18 8.67
C ASN A 126 -6.85 -17.66 9.57
N ILE A 127 -6.75 -17.07 10.75
CA ILE A 127 -5.71 -17.45 11.69
C ILE A 127 -6.06 -18.81 12.29
N THR A 128 -5.37 -19.86 11.81
CA THR A 128 -5.61 -21.22 12.29
C THR A 128 -4.87 -21.56 13.56
N ASP A 129 -5.17 -22.74 14.09
CA ASP A 129 -4.52 -23.19 15.31
C ASP A 129 -3.01 -23.18 15.12
N GLU A 130 -2.56 -23.51 13.92
CA GLU A 130 -1.12 -23.52 13.64
C GLU A 130 -0.57 -22.12 13.75
N HIS A 131 -1.14 -21.20 12.98
CA HIS A 131 -0.69 -19.81 13.03
C HIS A 131 -0.45 -19.49 14.50
N VAL A 132 -1.45 -19.76 15.32
CA VAL A 132 -1.35 -19.48 16.74
C VAL A 132 -0.15 -20.12 17.41
N ALA A 133 -0.02 -21.43 17.28
CA ALA A 133 1.10 -22.12 17.89
C ALA A 133 2.38 -21.53 17.33
N GLU A 134 2.30 -21.07 16.08
CA GLU A 134 3.44 -20.47 15.41
C GLU A 134 3.72 -19.11 16.04
N PHE A 135 2.67 -18.31 16.20
CA PHE A 135 2.79 -16.99 16.80
C PHE A 135 3.34 -17.02 18.21
N LYS A 136 2.88 -18.00 19.01
CA LYS A 136 3.31 -18.12 20.41
C LYS A 136 4.78 -18.48 20.63
N ARG A 137 5.42 -19.07 19.62
CA ARG A 137 6.84 -19.41 19.73
C ARG A 137 7.70 -18.46 18.90
N SER A 138 7.43 -17.16 19.02
CA SER A 138 8.20 -16.18 18.30
C SER A 138 9.11 -15.53 19.32
N PRO A 139 10.38 -15.31 18.95
CA PRO A 139 11.33 -14.70 19.87
C PRO A 139 10.97 -13.23 20.10
N VAL A 140 10.02 -12.73 19.30
CA VAL A 140 9.57 -11.35 19.42
C VAL A 140 8.05 -11.29 19.47
N PRO A 141 7.51 -10.17 19.96
CA PRO A 141 6.07 -9.96 20.07
C PRO A 141 5.42 -9.86 18.70
N ILE A 142 4.16 -10.23 18.63
CA ILE A 142 3.40 -10.20 17.40
C ILE A 142 2.05 -9.58 17.74
N VAL A 143 1.52 -8.74 16.84
CA VAL A 143 0.22 -8.15 17.07
C VAL A 143 -0.59 -8.22 15.79
N LEU A 144 -1.82 -8.71 15.91
CA LEU A 144 -2.72 -8.87 14.79
C LEU A 144 -3.54 -7.61 14.52
N ALA A 145 -3.57 -7.21 13.26
CA ALA A 145 -4.31 -6.03 12.88
C ALA A 145 -5.53 -6.44 12.07
N ALA A 146 -6.68 -5.88 12.45
CA ALA A 146 -7.94 -6.13 11.76
C ALA A 146 -8.20 -7.57 11.44
N SER A 147 -7.90 -8.47 12.37
CA SER A 147 -8.12 -9.87 12.06
C SER A 147 -8.97 -10.55 13.13
N VAL A 148 -9.34 -11.81 12.89
CA VAL A 148 -10.18 -12.60 13.81
C VAL A 148 -9.47 -13.88 14.24
N GLU A 149 -9.30 -14.03 15.56
CA GLU A 149 -8.64 -15.21 16.11
C GLU A 149 -9.53 -15.89 17.16
N GLU A 150 -10.35 -16.84 16.73
CA GLU A 150 -11.25 -17.54 17.65
C GLU A 150 -10.65 -17.92 18.99
N GLN A 151 -9.38 -18.29 18.99
CA GLN A 151 -8.68 -18.70 20.20
C GLN A 151 -8.28 -17.54 21.11
N GLU A 152 -8.69 -16.34 20.74
CA GLU A 152 -8.42 -15.13 21.51
C GLU A 152 -7.27 -15.22 22.47
N GLU A 153 -6.08 -15.53 21.95
CA GLU A 153 -4.91 -15.61 22.80
C GLU A 153 -3.67 -15.00 22.18
N THR A 154 -3.86 -13.98 21.36
CA THR A 154 -2.74 -13.27 20.74
C THR A 154 -3.13 -11.80 20.73
N PRO A 155 -2.27 -10.92 21.28
CA PRO A 155 -2.63 -9.50 21.27
C PRO A 155 -2.93 -8.97 19.88
N SER A 156 -4.19 -8.56 19.70
CA SER A 156 -4.65 -8.03 18.44
C SER A 156 -5.43 -6.73 18.64
N VAL A 157 -5.58 -5.97 17.55
CA VAL A 157 -6.33 -4.73 17.55
C VAL A 157 -7.29 -4.80 16.36
N ALA A 158 -8.57 -4.60 16.65
CA ALA A 158 -9.61 -4.65 15.64
C ALA A 158 -10.93 -4.20 16.26
N ILE A 159 -12.01 -4.26 15.49
CA ILE A 159 -13.32 -3.85 15.97
C ILE A 159 -14.18 -5.10 16.14
N ASP A 160 -15.28 -4.98 16.87
CA ASP A 160 -16.15 -6.14 17.06
C ASP A 160 -17.02 -6.34 15.82
N TYR A 161 -16.48 -6.99 14.80
CA TYR A 161 -17.26 -7.19 13.57
C TYR A 161 -18.70 -7.68 13.78
N GLU A 162 -18.90 -8.63 14.71
CA GLU A 162 -20.22 -9.18 15.00
C GLU A 162 -21.17 -8.08 15.45
N GLN A 163 -20.67 -7.12 16.22
CA GLN A 163 -21.51 -6.02 16.71
C GLN A 163 -21.78 -4.99 15.62
N ALA A 164 -20.82 -4.80 14.72
CA ALA A 164 -20.96 -3.85 13.64
C ALA A 164 -22.16 -4.25 12.76
N ILE A 165 -22.03 -5.39 12.08
CA ILE A 165 -23.09 -5.88 11.22
C ILE A 165 -24.41 -5.85 11.96
N TYR A 166 -24.39 -6.18 13.25
CA TYR A 166 -25.61 -6.16 14.06
C TYR A 166 -26.23 -4.77 14.10
N ASP A 167 -25.45 -3.80 14.55
CA ASP A 167 -25.96 -2.45 14.66
C ASP A 167 -26.46 -1.92 13.33
N ALA A 168 -25.86 -2.38 12.24
CA ALA A 168 -26.29 -1.95 10.92
C ALA A 168 -27.60 -2.64 10.63
N VAL A 169 -27.65 -3.96 10.75
CA VAL A 169 -28.92 -4.65 10.51
C VAL A 169 -30.00 -4.01 11.39
N LYS A 170 -29.73 -3.98 12.69
CA LYS A 170 -30.65 -3.40 13.66
C LYS A 170 -31.12 -2.03 13.23
N LEU A 171 -30.19 -1.18 12.81
CA LEU A 171 -30.57 0.15 12.37
C LEU A 171 -31.56 0.05 11.22
N LEU A 172 -31.41 -0.97 10.38
CA LEU A 172 -32.32 -1.16 9.26
C LEU A 172 -33.67 -1.67 9.73
N VAL A 173 -33.68 -2.58 10.70
CA VAL A 173 -34.94 -3.09 11.21
C VAL A 173 -35.72 -1.91 11.72
N ASP A 174 -35.08 -1.11 12.58
CA ASP A 174 -35.71 0.08 13.14
C ASP A 174 -36.23 1.06 12.08
N LYS A 175 -35.81 0.90 10.83
CA LYS A 175 -36.28 1.78 9.78
C LYS A 175 -37.54 1.24 9.15
N GLY A 176 -37.93 0.02 9.57
CA GLY A 176 -39.13 -0.58 9.03
C GLY A 176 -38.91 -1.72 8.06
N HIS A 177 -37.67 -2.15 7.91
CA HIS A 177 -37.38 -3.24 6.97
C HIS A 177 -37.72 -4.57 7.63
N THR A 178 -38.28 -5.51 6.86
CA THR A 178 -38.67 -6.79 7.41
C THR A 178 -38.00 -7.90 6.65
N ASP A 179 -37.43 -7.51 5.51
CA ASP A 179 -36.72 -8.42 4.63
C ASP A 179 -35.36 -7.81 4.32
N ILE A 180 -34.39 -8.02 5.22
CA ILE A 180 -33.04 -7.49 5.07
C ILE A 180 -32.10 -8.59 4.59
N ALA A 181 -31.36 -8.31 3.53
CA ALA A 181 -30.44 -9.30 2.97
C ALA A 181 -28.98 -9.00 3.31
N PHE A 182 -28.16 -10.03 3.39
CA PHE A 182 -26.76 -9.84 3.72
C PHE A 182 -25.78 -10.29 2.61
N VAL A 183 -24.96 -9.37 2.11
CA VAL A 183 -23.97 -9.72 1.09
C VAL A 183 -22.60 -9.78 1.81
N SER A 184 -22.12 -11.00 2.05
CA SER A 184 -20.85 -11.18 2.76
C SER A 184 -19.63 -11.34 1.85
N GLY A 185 -18.55 -11.78 2.46
CA GLY A 185 -17.33 -12.08 1.74
C GLY A 185 -17.21 -13.59 1.85
N PRO A 186 -16.08 -14.17 1.44
CA PRO A 186 -15.83 -15.62 1.50
C PRO A 186 -16.13 -16.19 2.87
N MET A 187 -16.96 -17.22 2.94
CA MET A 187 -17.28 -17.78 4.24
C MET A 187 -16.07 -18.54 4.84
N ALA A 188 -15.17 -19.02 3.98
CA ALA A 188 -13.98 -19.71 4.45
C ALA A 188 -13.39 -18.93 5.65
N GLU A 189 -13.32 -17.60 5.47
CA GLU A 189 -12.79 -16.67 6.47
C GLU A 189 -13.72 -16.57 7.70
N PRO A 190 -13.18 -16.78 8.91
CA PRO A 190 -14.02 -16.70 10.11
C PRO A 190 -14.62 -15.31 10.36
N ILE A 191 -14.02 -14.29 9.75
CA ILE A 191 -14.58 -12.96 9.94
C ILE A 191 -15.94 -12.88 9.27
N ASN A 192 -16.18 -13.73 8.27
CA ASN A 192 -17.48 -13.72 7.61
C ASN A 192 -18.44 -14.75 8.22
N ARG A 193 -18.03 -16.02 8.21
CA ARG A 193 -18.84 -17.12 8.74
C ARG A 193 -19.10 -17.03 10.24
N SER A 194 -18.04 -16.72 10.99
CA SER A 194 -18.12 -16.64 12.45
C SER A 194 -18.41 -15.28 13.09
N LYS A 195 -18.13 -14.21 12.38
CA LYS A 195 -18.39 -12.91 12.96
C LYS A 195 -19.54 -12.13 12.32
N LYS A 196 -19.28 -11.46 11.20
CA LYS A 196 -20.30 -10.65 10.51
C LYS A 196 -21.63 -11.34 10.26
N LEU A 197 -21.58 -12.58 9.77
CA LEU A 197 -22.80 -13.33 9.49
C LEU A 197 -23.62 -13.58 10.74
N GLN A 198 -22.96 -13.99 11.82
CA GLN A 198 -23.61 -14.28 13.09
C GLN A 198 -24.16 -13.00 13.69
N GLY A 199 -23.53 -11.87 13.34
CA GLY A 199 -23.99 -10.59 13.85
C GLY A 199 -25.31 -10.27 13.19
N TYR A 200 -25.37 -10.59 11.91
CA TYR A 200 -26.57 -10.42 11.06
C TYR A 200 -27.72 -11.31 11.54
N LYS A 201 -27.42 -12.59 11.72
CA LYS A 201 -28.41 -13.53 12.17
C LYS A 201 -28.89 -13.22 13.58
N ARG A 202 -27.97 -12.80 14.43
CA ARG A 202 -28.36 -12.51 15.80
C ARG A 202 -29.22 -11.27 15.88
N ALA A 203 -29.11 -10.42 14.87
CA ALA A 203 -29.90 -9.20 14.83
C ALA A 203 -31.38 -9.50 14.57
N LEU A 204 -31.65 -10.29 13.54
CA LEU A 204 -33.02 -10.64 13.21
C LEU A 204 -33.64 -11.48 14.32
N GLU A 205 -32.79 -12.26 14.99
CA GLU A 205 -33.23 -13.12 16.09
C GLU A 205 -33.92 -12.29 17.17
N GLU A 206 -33.23 -11.24 17.62
CA GLU A 206 -33.74 -10.34 18.64
C GLU A 206 -34.78 -9.36 18.08
N ALA A 207 -34.99 -9.48 16.76
CA ALA A 207 -35.95 -8.65 16.04
C ALA A 207 -37.15 -9.54 15.75
N ASN A 208 -37.04 -10.79 16.17
CA ASN A 208 -38.10 -11.78 15.99
C ASN A 208 -38.50 -11.98 14.54
N LEU A 209 -37.58 -11.67 13.63
CA LEU A 209 -37.81 -11.83 12.20
C LEU A 209 -37.19 -13.17 11.77
N PRO A 210 -37.87 -13.89 10.86
CA PRO A 210 -37.35 -15.17 10.40
C PRO A 210 -36.09 -15.04 9.55
N PHE A 211 -35.22 -16.04 9.66
CA PHE A 211 -33.97 -16.08 8.91
C PHE A 211 -34.17 -16.66 7.53
N ASN A 212 -34.00 -15.85 6.49
CA ASN A 212 -34.19 -16.35 5.14
C ASN A 212 -32.89 -16.69 4.41
N GLU A 213 -32.48 -17.96 4.49
CA GLU A 213 -31.25 -18.43 3.83
C GLU A 213 -30.99 -17.75 2.49
N GLN A 214 -32.06 -17.54 1.72
CA GLN A 214 -31.92 -16.91 0.43
C GLN A 214 -31.47 -15.46 0.51
N PHE A 215 -31.60 -14.85 1.68
CA PHE A 215 -31.20 -13.47 1.82
C PHE A 215 -29.73 -13.29 2.18
N VAL A 216 -28.97 -14.37 2.06
CA VAL A 216 -27.55 -14.32 2.35
C VAL A 216 -26.82 -14.62 1.06
N ALA A 217 -26.19 -13.59 0.51
CA ALA A 217 -25.44 -13.67 -0.73
C ALA A 217 -23.96 -13.63 -0.37
N GLU A 218 -23.19 -14.61 -0.83
CA GLU A 218 -21.76 -14.67 -0.51
C GLU A 218 -20.79 -14.12 -1.55
N GLY A 219 -20.40 -12.85 -1.39
CA GLY A 219 -19.47 -12.25 -2.35
C GLY A 219 -18.06 -12.80 -2.23
N ASP A 220 -17.10 -12.03 -2.72
CA ASP A 220 -15.69 -12.39 -2.67
C ASP A 220 -14.88 -11.12 -2.53
N TYR A 221 -15.55 -10.05 -2.13
CA TYR A 221 -14.95 -8.73 -1.92
C TYR A 221 -14.89 -7.93 -3.21
N THR A 222 -14.99 -8.63 -4.34
CA THR A 222 -14.92 -7.99 -5.65
C THR A 222 -16.05 -7.03 -5.96
N TYR A 223 -15.70 -5.80 -6.36
CA TYR A 223 -16.73 -4.85 -6.72
C TYR A 223 -17.70 -5.52 -7.72
N ASP A 224 -17.20 -6.50 -8.47
CA ASP A 224 -18.05 -7.20 -9.44
C ASP A 224 -18.89 -8.27 -8.77
N SER A 225 -18.35 -8.99 -7.80
CA SER A 225 -19.11 -10.01 -7.10
C SER A 225 -20.33 -9.35 -6.47
N GLY A 226 -20.26 -8.03 -6.30
CA GLY A 226 -21.35 -7.28 -5.72
C GLY A 226 -22.51 -7.12 -6.70
N LEU A 227 -22.18 -6.72 -7.91
CA LEU A 227 -23.18 -6.56 -8.95
C LEU A 227 -23.88 -7.92 -9.13
N GLU A 228 -23.09 -8.96 -9.33
CA GLU A 228 -23.62 -10.30 -9.51
C GLU A 228 -24.46 -10.78 -8.33
N ALA A 229 -24.20 -10.21 -7.15
CA ALA A 229 -24.93 -10.61 -5.94
C ALA A 229 -26.29 -9.92 -5.85
N LEU A 230 -26.33 -8.64 -6.21
CA LEU A 230 -27.56 -7.87 -6.20
C LEU A 230 -28.57 -8.54 -7.11
N GLN A 231 -28.07 -9.01 -8.25
CA GLN A 231 -28.87 -9.67 -9.25
C GLN A 231 -29.53 -10.92 -8.69
N HIS A 232 -28.73 -11.82 -8.10
CA HIS A 232 -29.29 -13.05 -7.55
C HIS A 232 -30.40 -12.83 -6.51
N LEU A 233 -30.26 -11.79 -5.67
CA LEU A 233 -31.28 -11.49 -4.65
C LEU A 233 -32.56 -10.91 -5.25
N MET A 234 -32.42 -10.20 -6.37
CA MET A 234 -33.54 -9.62 -7.06
C MET A 234 -34.20 -10.70 -7.91
N SER A 235 -33.46 -11.78 -8.12
CA SER A 235 -33.96 -12.91 -8.89
C SER A 235 -35.02 -13.64 -8.06
N LEU A 236 -34.88 -13.56 -6.73
CA LEU A 236 -35.81 -14.22 -5.81
C LEU A 236 -37.24 -13.69 -5.97
N ASP A 237 -38.22 -14.46 -5.50
CA ASP A 237 -39.61 -14.03 -5.57
C ASP A 237 -39.82 -12.85 -4.62
N LYS A 238 -39.61 -13.11 -3.33
CA LYS A 238 -39.73 -12.10 -2.29
C LYS A 238 -38.35 -11.46 -2.16
N LYS A 239 -38.22 -10.26 -2.72
CA LYS A 239 -36.98 -9.50 -2.73
C LYS A 239 -36.75 -8.74 -1.42
N PRO A 240 -35.50 -8.47 -1.06
CA PRO A 240 -35.24 -7.74 0.19
C PRO A 240 -35.55 -6.27 -0.02
N THR A 241 -35.85 -5.55 1.04
CA THR A 241 -36.14 -4.12 0.94
C THR A 241 -34.87 -3.33 1.15
N ALA A 242 -33.86 -4.00 1.69
CA ALA A 242 -32.56 -3.39 1.97
C ALA A 242 -31.47 -4.47 2.07
N ILE A 243 -30.28 -4.15 1.59
CA ILE A 243 -29.18 -5.09 1.64
C ILE A 243 -27.97 -4.52 2.35
N LEU A 244 -27.28 -5.37 3.10
CA LEU A 244 -26.09 -4.99 3.83
C LEU A 244 -24.89 -5.79 3.29
N SER A 245 -23.87 -5.06 2.83
CA SER A 245 -22.65 -5.64 2.28
C SER A 245 -21.54 -5.59 3.33
N ALA A 246 -20.75 -6.65 3.39
CA ALA A 246 -19.65 -6.74 4.33
C ALA A 246 -18.47 -5.85 3.97
N THR A 247 -18.48 -5.29 2.77
CA THR A 247 -17.43 -4.40 2.25
C THR A 247 -17.97 -3.30 1.32
N ASP A 248 -17.28 -2.17 1.28
CA ASP A 248 -17.68 -1.07 0.39
C ASP A 248 -17.55 -1.49 -1.09
N GLU A 249 -16.52 -2.27 -1.41
CA GLU A 249 -16.33 -2.73 -2.78
C GLU A 249 -17.66 -3.31 -3.25
N MET A 250 -18.08 -4.40 -2.61
CA MET A 250 -19.32 -5.04 -2.98
C MET A 250 -20.51 -4.12 -2.88
N ALA A 251 -20.45 -3.16 -1.96
CA ALA A 251 -21.56 -2.20 -1.81
C ALA A 251 -21.76 -1.45 -3.13
N LEU A 252 -20.72 -0.84 -3.67
CA LEU A 252 -20.87 -0.13 -4.94
C LEU A 252 -21.29 -1.15 -5.99
N GLY A 253 -20.91 -2.40 -5.77
CA GLY A 253 -21.30 -3.45 -6.69
C GLY A 253 -22.79 -3.63 -6.62
N ILE A 254 -23.37 -3.28 -5.47
CA ILE A 254 -24.80 -3.41 -5.24
C ILE A 254 -25.49 -2.20 -5.85
N ILE A 255 -25.07 -1.02 -5.42
CA ILE A 255 -25.64 0.24 -5.89
C ILE A 255 -25.76 0.26 -7.39
N HIS A 256 -24.62 0.30 -8.06
CA HIS A 256 -24.60 0.36 -9.51
C HIS A 256 -25.37 -0.77 -10.20
N ALA A 257 -25.14 -2.02 -9.81
CA ALA A 257 -25.85 -3.12 -10.44
C ALA A 257 -27.37 -2.93 -10.34
N ALA A 258 -27.80 -2.20 -9.30
CA ALA A 258 -29.22 -1.94 -9.09
C ALA A 258 -29.64 -0.78 -10.00
N GLN A 259 -28.98 0.37 -9.85
CA GLN A 259 -29.29 1.55 -10.66
C GLN A 259 -29.40 1.18 -12.14
N ASP A 260 -28.65 0.16 -12.53
CA ASP A 260 -28.66 -0.32 -13.90
C ASP A 260 -29.94 -1.09 -14.19
N GLN A 261 -30.37 -1.93 -13.24
CA GLN A 261 -31.61 -2.70 -13.41
C GLN A 261 -32.81 -1.78 -13.34
N GLY A 262 -32.55 -0.49 -13.10
CA GLY A 262 -33.64 0.48 -13.01
C GLY A 262 -33.88 1.03 -11.61
N LEU A 263 -33.98 0.14 -10.63
CA LEU A 263 -34.21 0.54 -9.25
C LEU A 263 -33.49 1.86 -9.00
N SER A 264 -34.01 2.68 -8.10
CA SER A 264 -33.37 3.95 -7.83
C SER A 264 -33.05 4.15 -6.35
N ILE A 265 -31.77 4.10 -6.03
CA ILE A 265 -31.29 4.26 -4.67
C ILE A 265 -31.28 5.73 -4.23
N PRO A 266 -31.76 6.02 -3.02
CA PRO A 266 -32.26 5.09 -2.00
C PRO A 266 -33.78 4.84 -2.02
N GLU A 267 -34.52 5.73 -2.68
CA GLU A 267 -35.98 5.66 -2.78
C GLU A 267 -36.62 4.32 -3.17
N ASP A 268 -35.83 3.35 -3.62
CA ASP A 268 -36.38 2.04 -4.02
C ASP A 268 -35.79 0.90 -3.21
N LEU A 269 -34.54 1.06 -2.79
CA LEU A 269 -33.84 0.03 -2.06
C LEU A 269 -32.82 0.64 -1.11
N ASP A 270 -32.78 0.16 0.14
CA ASP A 270 -31.84 0.68 1.11
C ASP A 270 -30.53 -0.11 1.10
N ILE A 271 -29.40 0.60 1.14
CA ILE A 271 -28.12 -0.08 1.11
C ILE A 271 -27.06 0.45 2.08
N ILE A 272 -26.42 -0.46 2.80
CA ILE A 272 -25.38 -0.07 3.75
C ILE A 272 -24.07 -0.83 3.51
N GLY A 273 -22.98 -0.05 3.44
CA GLY A 273 -21.68 -0.65 3.24
C GLY A 273 -20.95 -0.94 4.54
N PHE A 274 -19.65 -1.25 4.45
CA PHE A 274 -18.87 -1.57 5.65
C PHE A 274 -17.41 -1.23 5.41
N ASP A 275 -16.78 -0.60 6.40
CA ASP A 275 -15.38 -0.19 6.37
C ASP A 275 -15.26 1.34 6.28
N ASN A 276 -16.22 1.98 5.64
CA ASN A 276 -16.15 3.43 5.48
C ASN A 276 -14.79 3.76 4.94
N THR A 277 -14.60 3.50 3.64
CA THR A 277 -13.34 3.76 2.98
C THR A 277 -13.44 5.03 2.17
N ARG A 278 -12.48 5.22 1.27
CA ARG A 278 -12.46 6.37 0.38
C ARG A 278 -13.59 6.22 -0.64
N LEU A 279 -13.96 4.99 -0.95
CA LEU A 279 -15.02 4.76 -1.92
C LEU A 279 -16.33 5.35 -1.43
N SER A 280 -16.59 5.26 -0.12
CA SER A 280 -17.81 5.80 0.48
C SER A 280 -18.27 7.08 -0.18
N LEU A 281 -17.57 8.18 0.14
CA LEU A 281 -17.91 9.49 -0.39
C LEU A 281 -17.52 9.64 -1.87
N MET A 282 -17.13 8.56 -2.53
CA MET A 282 -16.76 8.65 -3.93
C MET A 282 -17.74 7.96 -4.85
N VAL A 283 -18.94 7.71 -4.35
CA VAL A 283 -19.97 7.07 -5.15
C VAL A 283 -21.14 8.03 -5.30
N ARG A 284 -22.09 7.65 -6.14
CA ARG A 284 -23.28 8.46 -6.35
C ARG A 284 -24.47 7.49 -6.40
N PRO A 285 -25.34 7.57 -5.38
CA PRO A 285 -25.26 8.49 -4.24
C PRO A 285 -24.23 8.09 -3.19
N GLN A 286 -23.98 8.99 -2.23
CA GLN A 286 -23.03 8.73 -1.13
C GLN A 286 -23.45 7.43 -0.46
N LEU A 287 -22.47 6.60 -0.12
CA LEU A 287 -22.76 5.31 0.50
C LEU A 287 -22.76 5.35 2.03
N SER A 288 -23.90 4.99 2.62
CA SER A 288 -24.02 4.94 4.09
C SER A 288 -23.30 3.67 4.52
N THR A 289 -22.32 3.81 5.40
CA THR A 289 -21.56 2.65 5.83
C THR A 289 -21.19 2.60 7.28
N VAL A 290 -20.79 1.40 7.72
CA VAL A 290 -20.34 1.18 9.09
C VAL A 290 -18.89 1.67 9.05
N VAL A 291 -18.57 2.58 9.96
CA VAL A 291 -17.24 3.14 10.01
C VAL A 291 -16.31 2.24 10.80
N GLN A 292 -15.16 1.92 10.21
CA GLN A 292 -14.13 1.13 10.86
C GLN A 292 -12.86 1.98 10.80
N PRO A 293 -12.26 2.30 11.95
CA PRO A 293 -11.04 3.11 11.96
C PRO A 293 -9.86 2.32 11.42
N THR A 294 -9.93 2.00 10.13
CA THR A 294 -8.87 1.24 9.48
C THR A 294 -7.50 1.79 9.84
N TYR A 295 -7.27 3.07 9.57
CA TYR A 295 -5.98 3.68 9.90
C TYR A 295 -5.66 3.38 11.39
N ASP A 296 -6.53 3.86 12.27
CA ASP A 296 -6.37 3.66 13.71
C ASP A 296 -5.99 2.23 14.08
N ILE A 297 -6.65 1.26 13.45
CA ILE A 297 -6.38 -0.12 13.76
C ILE A 297 -4.88 -0.42 13.58
N GLY A 298 -4.36 -0.18 12.38
CA GLY A 298 -2.95 -0.44 12.17
C GLY A 298 -2.08 0.43 13.06
N ALA A 299 -2.57 1.62 13.37
CA ALA A 299 -1.83 2.56 14.19
C ALA A 299 -1.78 2.08 15.63
N VAL A 300 -2.93 1.73 16.19
CA VAL A 300 -2.99 1.26 17.58
C VAL A 300 -2.33 -0.10 17.68
N ALA A 301 -2.27 -0.78 16.54
CA ALA A 301 -1.64 -2.09 16.43
C ALA A 301 -0.12 -1.91 16.58
N MET A 302 0.43 -0.97 15.81
CA MET A 302 1.86 -0.67 15.83
C MET A 302 2.27 -0.16 17.21
N ARG A 303 1.42 0.66 17.83
CA ARG A 303 1.72 1.19 19.17
C ARG A 303 1.65 0.08 20.19
N LEU A 304 0.61 -0.74 20.13
CA LEU A 304 0.54 -1.84 21.08
C LEU A 304 1.81 -2.70 20.95
N LEU A 305 2.35 -2.81 19.73
CA LEU A 305 3.55 -3.59 19.49
C LEU A 305 4.79 -2.90 20.04
N THR A 306 4.86 -1.58 19.94
CA THR A 306 6.02 -0.89 20.47
C THR A 306 6.09 -1.17 21.97
N LYS A 307 4.92 -1.22 22.61
CA LYS A 307 4.87 -1.52 24.03
C LYS A 307 5.44 -2.91 24.28
N LEU A 308 4.88 -3.92 23.65
CA LEU A 308 5.38 -5.27 23.85
C LEU A 308 6.89 -5.42 23.58
N MET A 309 7.41 -4.71 22.58
CA MET A 309 8.83 -4.78 22.22
C MET A 309 9.73 -4.20 23.31
N ASN A 310 9.21 -3.23 24.03
CA ASN A 310 9.93 -2.58 25.10
C ASN A 310 9.63 -3.25 26.45
N LYS A 311 9.38 -4.55 26.38
CA LYS A 311 9.10 -5.37 27.54
C LYS A 311 8.25 -4.69 28.61
N GLU A 312 7.53 -3.63 28.25
CA GLU A 312 6.69 -2.94 29.22
C GLU A 312 5.35 -3.64 29.32
N PRO A 313 4.72 -3.62 30.51
CA PRO A 313 3.43 -4.29 30.67
C PRO A 313 2.27 -3.54 30.01
N VAL A 314 1.21 -4.28 29.68
CA VAL A 314 0.01 -3.71 29.06
C VAL A 314 -1.31 -4.28 29.59
N GLU A 315 -2.31 -3.41 29.62
CA GLU A 315 -3.66 -3.74 30.06
C GLU A 315 -4.43 -4.40 28.90
N GLU A 316 -4.84 -5.65 29.05
CA GLU A 316 -5.60 -6.33 27.99
C GLU A 316 -4.81 -6.47 26.69
N HIS A 317 -4.36 -7.68 26.40
CA HIS A 317 -3.60 -7.96 25.19
C HIS A 317 -4.43 -7.75 23.93
N ILE A 318 -5.70 -8.17 23.97
CA ILE A 318 -6.62 -8.00 22.85
C ILE A 318 -7.29 -6.62 23.06
N VAL A 319 -7.23 -5.76 22.05
CA VAL A 319 -7.81 -4.41 22.12
C VAL A 319 -8.92 -4.25 21.08
N GLU A 320 -9.90 -3.42 21.37
CA GLU A 320 -10.97 -3.19 20.39
C GLU A 320 -11.35 -1.73 20.31
N LEU A 321 -11.32 -1.19 19.11
CA LEU A 321 -11.65 0.20 18.89
C LEU A 321 -13.11 0.35 18.54
N PRO A 322 -13.67 1.53 18.81
CA PRO A 322 -15.07 1.87 18.56
C PRO A 322 -15.42 1.93 17.09
N HIS A 323 -16.68 1.64 16.81
CA HIS A 323 -17.19 1.67 15.44
C HIS A 323 -18.55 2.33 15.45
N ARG A 324 -18.75 3.22 14.49
CA ARG A 324 -19.99 3.94 14.34
C ARG A 324 -20.52 3.69 12.95
N ILE A 325 -21.62 4.34 12.61
CA ILE A 325 -22.26 4.21 11.30
C ILE A 325 -22.56 5.59 10.72
N GLU A 326 -21.83 5.96 9.68
CA GLU A 326 -22.06 7.23 9.01
C GLU A 326 -23.15 6.93 7.97
N LEU A 327 -24.28 7.61 8.10
CA LEU A 327 -25.36 7.41 7.16
C LEU A 327 -25.20 8.47 6.07
N ARG A 328 -25.40 8.06 4.82
CA ARG A 328 -25.28 8.94 3.68
C ARG A 328 -26.61 9.10 2.91
N LYS A 329 -26.55 9.03 1.59
CA LYS A 329 -27.73 9.18 0.76
C LYS A 329 -28.29 7.83 0.32
N SER A 330 -27.45 6.80 0.36
CA SER A 330 -27.83 5.44 -0.04
C SER A 330 -28.89 4.87 0.90
N THR A 331 -29.25 5.68 1.89
CA THR A 331 -30.22 5.31 2.90
C THR A 331 -31.25 6.41 3.10
N LYS A 332 -32.52 6.07 2.90
CA LYS A 332 -33.63 7.01 3.05
C LYS A 332 -33.61 7.72 4.42
N ALA B 1 -3.36 24.34 32.94
CA ALA B 1 -3.84 24.68 31.57
C ALA B 1 -5.13 23.91 31.24
N GLN B 2 -5.87 24.42 30.26
CA GLN B 2 -7.13 23.79 29.84
C GLN B 2 -7.72 24.52 28.63
N LYS B 3 -8.57 23.83 27.88
CA LYS B 3 -9.20 24.41 26.70
C LYS B 3 -10.05 23.35 25.98
N THR B 4 -11.38 23.55 26.02
CA THR B 4 -12.31 22.64 25.38
C THR B 4 -12.49 23.00 23.91
N PHE B 5 -12.74 21.99 23.08
CA PHE B 5 -12.94 22.16 21.64
C PHE B 5 -14.18 21.40 21.18
N LYS B 6 -14.51 21.59 19.91
CA LYS B 6 -15.67 20.95 19.27
C LYS B 6 -15.26 20.48 17.87
N VAL B 7 -14.78 19.24 17.79
CA VAL B 7 -14.33 18.65 16.53
C VAL B 7 -15.19 19.03 15.34
N THR B 8 -14.54 19.41 14.26
CA THR B 8 -15.24 19.81 13.05
C THR B 8 -15.02 18.80 11.92
N ALA B 9 -13.85 18.16 11.95
CA ALA B 9 -13.49 17.17 10.93
C ALA B 9 -14.49 16.02 10.92
N ASP B 10 -14.97 15.68 9.74
CA ASP B 10 -15.92 14.58 9.57
C ASP B 10 -15.32 13.33 10.20
N SER B 11 -14.03 13.13 9.96
CA SER B 11 -13.29 12.00 10.48
C SER B 11 -13.14 12.10 11.99
N GLY B 12 -13.04 13.32 12.49
CA GLY B 12 -12.89 13.53 13.92
C GLY B 12 -11.45 13.35 14.35
N ILE B 13 -11.25 12.87 15.58
CA ILE B 13 -9.92 12.63 16.15
C ILE B 13 -9.41 11.23 15.81
N HIS B 14 -9.19 11.02 14.51
CA HIS B 14 -8.73 9.75 13.97
C HIS B 14 -7.68 9.94 12.89
N ALA B 15 -7.49 8.89 12.10
CA ALA B 15 -6.55 8.87 10.97
C ALA B 15 -5.23 9.57 11.23
N ARG B 16 -4.62 10.08 10.15
CA ARG B 16 -3.34 10.77 10.25
C ARG B 16 -3.41 11.95 11.23
N PRO B 17 -4.36 12.87 11.00
CA PRO B 17 -4.56 14.05 11.84
C PRO B 17 -4.45 13.79 13.33
N ALA B 18 -5.12 12.74 13.79
CA ALA B 18 -5.10 12.39 15.22
C ALA B 18 -3.67 12.08 15.65
N THR B 19 -2.91 11.49 14.74
CA THR B 19 -1.52 11.14 15.02
C THR B 19 -0.75 12.42 15.33
N VAL B 20 -0.85 13.38 14.40
CA VAL B 20 -0.19 14.67 14.55
C VAL B 20 -0.36 15.21 15.98
N LEU B 21 -1.62 15.24 16.45
CA LEU B 21 -1.94 15.74 17.80
C LEU B 21 -1.20 14.96 18.89
N VAL B 22 -1.30 13.64 18.87
CA VAL B 22 -0.65 12.83 19.91
C VAL B 22 0.84 13.14 19.99
N GLN B 23 1.43 13.38 18.83
CA GLN B 23 2.84 13.69 18.72
C GLN B 23 3.15 15.09 19.25
N THR B 24 2.42 16.08 18.72
CA THR B 24 2.60 17.47 19.14
C THR B 24 2.51 17.58 20.66
N ALA B 25 1.86 16.62 21.30
CA ALA B 25 1.72 16.62 22.74
C ALA B 25 2.91 15.98 23.43
N SER B 26 3.55 15.05 22.75
CA SER B 26 4.69 14.31 23.28
C SER B 26 5.97 15.14 23.40
N LYS B 27 5.96 16.30 22.75
CA LYS B 27 7.11 17.21 22.75
C LYS B 27 7.26 18.13 23.97
N TYR B 28 6.33 18.03 24.93
CA TYR B 28 6.40 18.88 26.12
C TYR B 28 6.42 18.04 27.38
N ASP B 29 7.20 18.49 28.36
CA ASP B 29 7.35 17.80 29.63
C ASP B 29 6.00 17.73 30.36
N ALA B 30 5.18 18.76 30.16
CA ALA B 30 3.87 18.85 30.79
C ALA B 30 2.91 17.72 30.39
N ASP B 31 2.54 16.89 31.36
CA ASP B 31 1.63 15.76 31.09
C ASP B 31 0.34 16.29 30.47
N VAL B 32 0.19 16.14 29.15
CA VAL B 32 -1.00 16.60 28.46
C VAL B 32 -2.05 15.48 28.43
N ASN B 33 -3.27 15.82 28.83
CA ASN B 33 -4.36 14.85 28.87
C ASN B 33 -5.46 15.20 27.87
N LEU B 34 -6.42 14.29 27.72
CA LEU B 34 -7.55 14.45 26.82
C LEU B 34 -8.77 13.77 27.46
N GLU B 35 -9.82 14.55 27.72
CA GLU B 35 -11.02 13.98 28.30
C GLU B 35 -12.16 14.10 27.29
N TYR B 36 -13.03 13.10 27.27
CA TYR B 36 -14.15 13.10 26.35
C TYR B 36 -15.32 12.25 26.81
N ASN B 37 -16.51 12.84 26.79
CA ASN B 37 -17.74 12.16 27.14
C ASN B 37 -17.72 11.60 28.57
N GLY B 38 -16.68 11.91 29.32
CA GLY B 38 -16.61 11.42 30.68
C GLY B 38 -15.29 10.80 31.12
N LYS B 39 -14.52 10.28 30.18
CA LYS B 39 -13.22 9.68 30.51
C LYS B 39 -12.03 10.50 29.99
N THR B 40 -10.93 10.44 30.73
CA THR B 40 -9.72 11.18 30.39
C THR B 40 -8.57 10.23 30.06
N VAL B 41 -7.90 10.53 28.94
CA VAL B 41 -6.76 9.76 28.45
C VAL B 41 -5.53 10.64 28.23
N ASN B 42 -4.36 10.01 28.23
CA ASN B 42 -3.08 10.66 28.01
C ASN B 42 -2.97 11.09 26.54
N LEU B 43 -2.98 12.37 26.24
CA LEU B 43 -2.92 12.80 24.85
C LEU B 43 -1.56 12.51 24.20
N LYS B 44 -0.58 12.14 25.02
CA LYS B 44 0.74 11.80 24.50
C LYS B 44 0.81 10.29 24.24
N SEP B 45 -0.36 9.72 23.96
CA SEP B 45 -0.49 8.28 23.70
CB SEP B 45 -1.06 7.61 24.95
OG SEP B 45 -1.59 6.35 24.64
C SEP B 45 -1.43 8.00 22.53
O SEP B 45 -2.54 8.50 22.48
P SEP B 45 -0.65 5.06 24.59
O1P SEP B 45 0.61 5.47 25.24
O2P SEP B 45 -1.18 3.99 25.48
O3P SEP B 45 -0.71 4.55 23.21
N ILE B 46 -0.97 7.19 21.58
CA ILE B 46 -1.79 6.84 20.42
C ILE B 46 -3.00 5.98 20.79
N MET B 47 -2.76 4.90 21.54
CA MET B 47 -3.84 4.02 21.96
C MET B 47 -4.93 4.78 22.71
N GLY B 48 -4.53 5.61 23.66
CA GLY B 48 -5.50 6.36 24.43
C GLY B 48 -6.44 7.23 23.59
N VAL B 49 -5.87 8.20 22.86
CA VAL B 49 -6.64 9.12 22.02
C VAL B 49 -7.58 8.43 21.03
N MET B 50 -7.07 7.41 20.34
CA MET B 50 -7.85 6.68 19.34
C MET B 50 -8.92 5.77 19.94
N SER B 51 -8.63 5.18 21.10
CA SER B 51 -9.59 4.28 21.75
C SER B 51 -10.79 5.08 22.21
N LEU B 52 -10.73 6.39 22.03
CA LEU B 52 -11.83 7.25 22.45
C LEU B 52 -12.93 7.27 21.42
N GLY B 53 -12.56 7.41 20.16
CA GLY B 53 -13.54 7.43 19.10
C GLY B 53 -14.15 8.79 18.87
N ILE B 54 -13.56 9.80 19.50
CA ILE B 54 -14.02 11.18 19.38
C ILE B 54 -14.49 11.48 17.97
N ALA B 55 -15.79 11.35 17.73
CA ALA B 55 -16.36 11.62 16.41
C ALA B 55 -16.70 13.11 16.26
N LYS B 56 -16.90 13.56 15.01
CA LYS B 56 -17.22 14.97 14.70
C LYS B 56 -18.42 15.53 15.48
N GLY B 57 -18.28 16.75 15.99
CA GLY B 57 -19.35 17.34 16.75
C GLY B 57 -19.34 16.74 18.14
N ALA B 58 -18.23 16.95 18.84
CA ALA B 58 -18.07 16.44 20.20
C ALA B 58 -17.18 17.38 21.00
N GLU B 59 -17.31 17.34 22.33
CA GLU B 59 -16.51 18.21 23.19
C GLU B 59 -15.40 17.43 23.88
N ILE B 60 -14.24 18.06 24.01
CA ILE B 60 -13.10 17.43 24.67
C ILE B 60 -12.26 18.49 25.41
N THR B 61 -11.55 18.05 26.43
CA THR B 61 -10.72 18.97 27.20
C THR B 61 -9.25 18.60 27.03
N ILE B 62 -8.38 19.62 26.99
CA ILE B 62 -6.95 19.40 26.84
C ILE B 62 -6.13 20.05 27.96
N SER B 63 -5.84 19.28 29.01
CA SER B 63 -5.08 19.80 30.13
C SER B 63 -3.56 19.71 29.91
N ALA B 64 -2.79 20.15 30.89
CA ALA B 64 -1.31 20.12 30.83
C ALA B 64 -0.71 20.69 32.13
N SER B 65 0.00 19.86 32.88
CA SER B 65 0.61 20.32 34.12
C SER B 65 2.09 19.95 34.24
N GLY B 66 2.90 20.93 34.61
CA GLY B 66 4.33 20.69 34.76
C GLY B 66 5.11 21.86 34.20
N ALA B 67 6.31 21.58 33.70
CA ALA B 67 7.17 22.61 33.13
C ALA B 67 6.42 23.45 32.10
N ASP B 68 6.52 23.03 30.84
CA ASP B 68 5.86 23.71 29.73
C ASP B 68 4.37 23.38 29.66
N GLU B 69 3.59 23.84 30.64
CA GLU B 69 2.16 23.57 30.65
C GLU B 69 1.34 24.65 29.95
N ASN B 70 2.00 25.76 29.62
CA ASN B 70 1.34 26.89 28.96
C ASN B 70 1.57 26.85 27.45
N ASP B 71 2.82 27.10 27.05
CA ASP B 71 3.21 27.12 25.64
C ASP B 71 2.70 25.85 24.93
N ALA B 72 2.55 24.78 25.72
CA ALA B 72 2.06 23.49 25.23
C ALA B 72 0.65 23.65 24.70
N LEU B 73 -0.25 24.04 25.60
CA LEU B 73 -1.65 24.24 25.26
C LEU B 73 -1.77 25.09 23.99
N ASN B 74 -0.96 26.14 23.89
CA ASN B 74 -0.98 27.00 22.70
C ASN B 74 -0.70 26.13 21.47
N ALA B 75 0.35 25.33 21.55
CA ALA B 75 0.75 24.46 20.44
C ALA B 75 -0.38 23.53 19.98
N LEU B 76 -0.84 22.66 20.87
CA LEU B 76 -1.90 21.73 20.55
C LEU B 76 -3.07 22.46 19.92
N GLU B 77 -3.37 23.63 20.49
CA GLU B 77 -4.46 24.49 20.00
C GLU B 77 -4.21 24.93 18.56
N GLU B 78 -2.97 25.32 18.28
CA GLU B 78 -2.61 25.77 16.94
C GLU B 78 -2.76 24.61 15.96
N THR B 79 -2.41 23.41 16.41
CA THR B 79 -2.51 22.24 15.54
C THR B 79 -3.98 21.89 15.31
N MET B 80 -4.76 21.88 16.40
CA MET B 80 -6.19 21.57 16.33
C MET B 80 -6.89 22.31 15.20
N LYS B 81 -6.38 23.49 14.86
CA LYS B 81 -6.99 24.27 13.80
C LYS B 81 -6.24 24.11 12.47
N SER B 82 -4.95 23.78 12.57
CA SER B 82 -4.10 23.59 11.39
C SER B 82 -4.39 22.23 10.73
N GLU B 83 -5.23 21.44 11.40
CA GLU B 83 -5.60 20.13 10.88
C GLU B 83 -7.14 20.01 10.91
N GLY B 84 -7.82 21.16 10.98
CA GLY B 84 -9.27 21.18 11.01
C GLY B 84 -9.91 20.20 11.97
N LEU B 85 -9.53 20.29 13.24
CA LEU B 85 -10.05 19.39 14.27
C LEU B 85 -10.81 20.09 15.40
N GLY B 86 -11.47 21.20 15.08
CA GLY B 86 -12.25 21.93 16.08
C GLY B 86 -11.63 23.17 16.73
N GLU B 87 -12.49 24.01 17.31
CA GLU B 87 -12.02 25.22 17.98
C GLU B 87 -12.34 25.10 19.47
N MET C 1 17.72 -16.60 23.57
CA MET C 1 19.06 -17.24 23.41
C MET C 1 19.04 -18.13 22.17
N ASN C 2 18.97 -17.51 21.00
CA ASN C 2 18.94 -18.26 19.74
C ASN C 2 20.09 -19.25 19.59
N ILE C 3 19.84 -20.34 18.85
CA ILE C 3 20.88 -21.33 18.61
C ILE C 3 21.60 -20.93 17.33
N THR C 4 22.91 -20.75 17.43
CA THR C 4 23.71 -20.34 16.29
C THR C 4 24.28 -21.56 15.60
N ILE C 5 25.13 -21.34 14.60
CA ILE C 5 25.73 -22.45 13.90
C ILE C 5 26.65 -23.22 14.84
N TYR C 6 27.07 -22.59 15.94
CA TYR C 6 27.96 -23.25 16.90
C TYR C 6 27.26 -24.43 17.55
N ASP C 7 26.05 -24.18 18.05
CA ASP C 7 25.26 -25.22 18.68
C ASP C 7 25.12 -26.39 17.69
N VAL C 8 24.67 -26.10 16.47
CA VAL C 8 24.51 -27.12 15.43
C VAL C 8 25.85 -27.80 15.18
N ALA C 9 26.91 -27.01 15.13
CA ALA C 9 28.26 -27.53 14.91
C ALA C 9 28.62 -28.53 16.01
N ARG C 10 28.10 -28.30 17.22
CA ARG C 10 28.38 -29.19 18.34
C ARG C 10 27.47 -30.38 18.23
N GLU C 11 26.19 -30.13 17.96
CA GLU C 11 25.19 -31.17 17.82
C GLU C 11 25.38 -32.02 16.57
N ALA C 12 26.61 -32.09 16.07
CA ALA C 12 26.88 -32.89 14.88
C ALA C 12 28.38 -33.23 14.75
N ASN C 13 29.12 -33.09 15.84
CA ASN C 13 30.56 -33.40 15.86
C ASN C 13 31.23 -32.92 14.60
N VAL C 14 30.93 -31.68 14.19
CA VAL C 14 31.53 -31.09 12.99
C VAL C 14 31.90 -29.66 13.31
N SER C 15 32.63 -29.01 12.41
CA SER C 15 33.05 -27.64 12.64
C SER C 15 31.99 -26.67 12.15
N MET C 16 31.83 -25.59 12.90
CA MET C 16 30.85 -24.57 12.54
C MET C 16 31.14 -24.10 11.12
N ALA C 17 32.40 -24.14 10.72
CA ALA C 17 32.75 -23.74 9.36
C ALA C 17 32.09 -24.64 8.31
N THR C 18 31.81 -25.91 8.64
CA THR C 18 31.16 -26.77 7.66
C THR C 18 29.66 -26.66 7.80
N VAL C 19 29.19 -26.29 8.99
CA VAL C 19 27.75 -26.14 9.20
C VAL C 19 27.30 -25.07 8.22
N SER C 20 28.14 -24.06 8.08
CA SER C 20 27.89 -22.96 7.17
C SER C 20 27.72 -23.52 5.77
N ARG C 21 28.71 -24.28 5.31
CA ARG C 21 28.69 -24.92 3.99
C ARG C 21 27.37 -25.63 3.67
N VAL C 22 26.88 -26.40 4.61
CA VAL C 22 25.64 -27.12 4.43
C VAL C 22 24.53 -26.10 4.24
N VAL C 23 24.33 -25.27 5.26
CA VAL C 23 23.29 -24.25 5.22
C VAL C 23 23.18 -23.60 3.83
N ASN C 24 24.27 -23.05 3.31
CA ASN C 24 24.21 -22.41 1.98
C ASN C 24 24.26 -23.41 0.83
N GLY C 25 24.26 -24.69 1.16
CA GLY C 25 24.34 -25.70 0.12
C GLY C 25 25.66 -25.71 -0.63
N ASN C 26 26.75 -25.85 0.11
CA ASN C 26 28.04 -25.90 -0.52
C ASN C 26 28.22 -27.30 -1.03
N PRO C 27 28.70 -27.44 -2.28
CA PRO C 27 28.92 -28.74 -2.90
C PRO C 27 29.86 -29.67 -2.12
N ASN C 28 31.05 -29.16 -1.82
CA ASN C 28 32.10 -29.90 -1.11
C ASN C 28 31.76 -30.37 0.30
N VAL C 29 30.74 -31.22 0.40
CA VAL C 29 30.30 -31.78 1.66
C VAL C 29 29.85 -33.22 1.43
N LYS C 30 30.55 -34.16 2.06
CA LYS C 30 30.23 -35.58 1.91
C LYS C 30 28.78 -35.82 2.37
N PRO C 31 27.98 -36.54 1.56
CA PRO C 31 26.57 -36.83 1.86
C PRO C 31 26.30 -37.22 3.30
N THR C 32 27.20 -38.02 3.88
CA THR C 32 27.03 -38.46 5.26
C THR C 32 27.06 -37.27 6.21
N THR C 33 28.04 -36.39 6.02
CA THR C 33 28.19 -35.20 6.85
C THR C 33 26.95 -34.30 6.67
N ARG C 34 26.64 -33.96 5.43
CA ARG C 34 25.48 -33.12 5.14
C ARG C 34 24.25 -33.66 5.85
N LYS C 35 23.70 -34.76 5.34
CA LYS C 35 22.52 -35.37 5.92
C LYS C 35 22.60 -35.47 7.44
N LYS C 36 23.80 -35.60 7.97
CA LYS C 36 23.97 -35.70 9.41
C LYS C 36 23.67 -34.36 10.08
N VAL C 37 24.15 -33.28 9.46
CA VAL C 37 23.98 -31.94 10.01
C VAL C 37 22.62 -31.34 9.66
N LEU C 38 21.99 -31.85 8.62
CA LEU C 38 20.67 -31.36 8.20
C LEU C 38 19.59 -31.72 9.21
N GLU C 39 19.66 -32.95 9.74
CA GLU C 39 18.71 -33.44 10.73
C GLU C 39 19.04 -32.81 12.08
N ALA C 40 20.24 -32.26 12.17
CA ALA C 40 20.69 -31.61 13.39
C ALA C 40 20.09 -30.20 13.39
N ILE C 41 20.14 -29.53 12.24
CA ILE C 41 19.60 -28.18 12.12
C ILE C 41 18.13 -28.21 12.46
N GLU C 42 17.48 -29.31 12.10
CA GLU C 42 16.07 -29.46 12.40
C GLU C 42 15.87 -29.89 13.84
N ARG C 43 16.75 -30.78 14.33
CA ARG C 43 16.66 -31.26 15.71
C ARG C 43 16.80 -30.13 16.71
N LEU C 44 17.27 -28.97 16.26
CA LEU C 44 17.40 -27.82 17.14
C LEU C 44 16.51 -26.69 16.68
N GLY C 45 15.81 -26.91 15.57
CA GLY C 45 14.95 -25.89 15.02
C GLY C 45 15.79 -24.64 14.79
N TYR C 46 16.82 -24.76 13.96
CA TYR C 46 17.72 -23.65 13.65
C TYR C 46 17.25 -22.79 12.47
N ARG C 47 17.41 -21.48 12.63
CA ARG C 47 17.06 -20.53 11.59
C ARG C 47 18.25 -19.57 11.52
N PRO C 48 18.88 -19.45 10.34
CA PRO C 48 20.03 -18.56 10.18
C PRO C 48 19.70 -17.12 10.47
N ASN C 49 20.67 -16.45 11.09
CA ASN C 49 20.54 -15.05 11.48
C ASN C 49 21.03 -14.17 10.37
N ALA C 50 20.11 -13.68 9.55
CA ALA C 50 20.44 -12.81 8.43
C ALA C 50 21.38 -11.64 8.79
N VAL C 51 21.11 -10.94 9.88
CA VAL C 51 21.97 -9.81 10.25
C VAL C 51 23.43 -10.22 10.35
N ALA C 52 23.66 -11.31 11.08
CA ALA C 52 24.98 -11.88 11.24
C ALA C 52 25.55 -12.07 9.84
N ARG C 53 24.82 -12.80 9.00
CA ARG C 53 25.26 -13.06 7.63
C ARG C 53 25.55 -11.77 6.88
N GLY C 54 24.61 -10.83 6.86
CA GLY C 54 24.81 -9.58 6.14
C GLY C 54 26.05 -8.77 6.54
N LEU C 55 26.47 -8.90 7.79
CA LEU C 55 27.64 -8.17 8.25
C LEU C 55 28.85 -8.75 7.50
N ALA C 56 28.91 -10.09 7.50
CA ALA C 56 29.98 -10.85 6.87
C ALA C 56 29.94 -10.83 5.34
N SER C 57 28.81 -11.26 4.77
CA SER C 57 28.62 -11.34 3.33
C SER C 57 28.43 -10.01 2.61
N LYS C 58 28.17 -8.96 3.37
CA LYS C 58 27.96 -7.62 2.81
C LYS C 58 26.75 -7.56 1.90
N LYS C 59 25.90 -8.58 2.00
CA LYS C 59 24.69 -8.67 1.21
C LYS C 59 23.49 -8.95 2.12
N THR C 60 22.43 -8.17 1.96
CA THR C 60 21.23 -8.33 2.81
C THR C 60 19.93 -8.85 2.14
N THR C 61 19.98 -9.13 0.83
CA THR C 61 18.82 -9.60 0.07
C THR C 61 17.56 -8.81 0.45
N THR C 62 17.71 -7.47 0.41
CA THR C 62 16.65 -6.54 0.76
C THR C 62 16.84 -5.25 -0.02
N VAL C 63 15.77 -4.76 -0.66
CA VAL C 63 15.88 -3.48 -1.36
C VAL C 63 15.03 -2.48 -0.62
N GLY C 64 15.36 -1.21 -0.79
CA GLY C 64 14.60 -0.18 -0.13
C GLY C 64 13.61 0.46 -1.09
N VAL C 65 12.40 0.72 -0.61
CA VAL C 65 11.37 1.35 -1.42
C VAL C 65 10.86 2.62 -0.76
N ILE C 66 11.18 3.74 -1.40
CA ILE C 66 10.76 5.05 -0.95
C ILE C 66 9.56 5.42 -1.82
N ILE C 67 8.40 5.51 -1.19
CA ILE C 67 7.14 5.80 -1.87
C ILE C 67 6.46 6.97 -1.14
N PRO C 68 5.83 7.90 -1.88
CA PRO C 68 5.18 9.04 -1.21
C PRO C 68 4.12 8.68 -0.18
N ASP C 69 3.07 7.99 -0.62
CA ASP C 69 2.00 7.56 0.28
C ASP C 69 1.44 6.24 -0.21
N ILE C 70 1.80 5.18 0.51
CA ILE C 70 1.36 3.84 0.17
C ILE C 70 -0.14 3.61 0.33
N SER C 71 -0.87 4.60 0.84
CA SER C 71 -2.31 4.46 1.02
C SER C 71 -3.05 4.78 -0.26
N SER C 72 -2.38 5.44 -1.19
CA SER C 72 -2.98 5.82 -2.47
C SER C 72 -3.43 4.58 -3.24
N ILE C 73 -4.21 4.80 -4.30
CA ILE C 73 -4.70 3.71 -5.12
C ILE C 73 -3.70 3.44 -6.23
N PHE C 74 -2.96 4.47 -6.60
CA PHE C 74 -1.95 4.38 -7.67
C PHE C 74 -0.69 3.66 -7.21
N TYR C 75 0.03 4.33 -6.31
CA TYR C 75 1.27 3.83 -5.75
C TYR C 75 1.11 2.46 -5.13
N SER C 76 0.02 2.23 -4.41
CA SER C 76 -0.20 0.93 -3.80
C SER C 76 -0.04 -0.17 -4.84
N GLU C 77 -0.60 0.06 -6.04
CA GLU C 77 -0.51 -0.89 -7.14
C GLU C 77 0.95 -1.02 -7.52
N LEU C 78 1.59 0.12 -7.81
CA LEU C 78 3.01 0.14 -8.16
C LEU C 78 3.78 -0.71 -7.16
N ALA C 79 3.50 -0.49 -5.89
CA ALA C 79 4.14 -1.22 -4.80
C ALA C 79 3.97 -2.74 -4.97
N ARG C 80 2.87 -3.14 -5.59
CA ARG C 80 2.61 -4.56 -5.81
C ARG C 80 3.57 -5.13 -6.84
N GLY C 81 3.78 -4.39 -7.93
CA GLY C 81 4.70 -4.86 -8.94
C GLY C 81 6.05 -4.96 -8.28
N ILE C 82 6.52 -3.83 -7.77
CA ILE C 82 7.81 -3.74 -7.08
C ILE C 82 7.99 -4.91 -6.11
N GLU C 83 7.09 -4.99 -5.14
CA GLU C 83 7.13 -6.04 -4.13
C GLU C 83 7.12 -7.46 -4.72
N ASP C 84 6.25 -7.69 -5.69
CA ASP C 84 6.11 -9.01 -6.30
C ASP C 84 7.27 -9.55 -7.13
N ILE C 85 7.99 -8.65 -7.81
CA ILE C 85 9.11 -9.07 -8.63
C ILE C 85 10.27 -9.30 -7.70
N ALA C 86 10.34 -8.51 -6.65
CA ALA C 86 11.43 -8.67 -5.72
C ALA C 86 11.31 -10.03 -5.03
N THR C 87 10.09 -10.46 -4.71
CA THR C 87 9.93 -11.77 -4.07
C THR C 87 10.42 -12.82 -5.05
N MET C 88 10.03 -12.66 -6.30
CA MET C 88 10.41 -13.58 -7.36
C MET C 88 11.88 -13.77 -7.21
N TYR C 89 12.58 -12.65 -7.14
CA TYR C 89 14.02 -12.65 -7.01
C TYR C 89 14.59 -12.72 -5.59
N LYS C 90 13.82 -13.30 -4.67
CA LYS C 90 14.25 -13.45 -3.28
C LYS C 90 14.81 -12.18 -2.69
N TYR C 91 13.98 -11.15 -2.59
CA TYR C 91 14.40 -9.87 -2.03
C TYR C 91 13.27 -9.33 -1.18
N ASN C 92 13.54 -9.11 0.11
CA ASN C 92 12.50 -8.57 0.98
C ASN C 92 12.46 -7.08 0.71
N ILE C 93 11.45 -6.40 1.21
CA ILE C 93 11.39 -4.95 0.97
C ILE C 93 11.16 -4.08 2.19
N ILE C 94 11.76 -2.89 2.17
CA ILE C 94 11.56 -1.93 3.26
C ILE C 94 10.76 -0.78 2.67
N LEU C 95 9.48 -0.74 3.02
CA LEU C 95 8.59 0.28 2.51
C LEU C 95 8.61 1.45 3.45
N SER C 96 8.52 2.66 2.91
CA SER C 96 8.53 3.86 3.73
C SER C 96 7.85 5.02 3.00
N ASN C 97 6.93 5.71 3.66
CA ASN C 97 6.21 6.82 3.04
C ASN C 97 6.95 8.16 3.17
N SER C 98 7.06 8.89 2.07
CA SER C 98 7.78 10.16 2.05
C SER C 98 6.86 11.33 1.94
N ASP C 99 5.64 11.06 1.47
CA ASP C 99 4.66 12.12 1.32
C ASP C 99 5.21 13.24 0.47
N GLN C 100 5.90 12.87 -0.60
CA GLN C 100 6.48 13.88 -1.48
C GLN C 100 7.30 14.95 -0.72
N ASN C 101 7.58 14.74 0.55
CA ASN C 101 8.37 15.73 1.30
C ASN C 101 9.85 15.50 1.10
N MET C 102 10.57 16.50 0.59
CA MET C 102 11.99 16.33 0.31
C MET C 102 12.89 15.96 1.49
N GLU C 103 12.79 16.72 2.57
CA GLU C 103 13.62 16.43 3.72
C GLU C 103 13.42 14.98 4.15
N LYS C 104 12.22 14.47 3.90
CA LYS C 104 11.88 13.10 4.26
C LYS C 104 12.48 12.13 3.26
N GLU C 105 12.22 12.37 1.97
CA GLU C 105 12.70 11.52 0.86
C GLU C 105 14.19 11.23 0.98
N LEU C 106 14.96 12.27 1.27
CA LEU C 106 16.39 12.20 1.41
C LEU C 106 16.74 11.50 2.71
N HIS C 107 16.06 11.88 3.78
CA HIS C 107 16.33 11.24 5.05
C HIS C 107 16.11 9.73 4.94
N LEU C 108 14.99 9.32 4.37
CA LEU C 108 14.71 7.90 4.21
C LEU C 108 15.86 7.23 3.46
N LEU C 109 16.18 7.76 2.27
CA LEU C 109 17.26 7.25 1.43
C LEU C 109 18.47 6.91 2.30
N ASN C 110 18.86 7.86 3.13
CA ASN C 110 19.99 7.65 4.01
C ASN C 110 19.75 6.48 4.99
N THR C 111 18.58 6.47 5.62
CA THR C 111 18.24 5.41 6.57
C THR C 111 18.36 4.01 5.99
N MET C 112 17.78 3.80 4.79
CA MET C 112 17.77 2.52 4.06
C MET C 112 19.18 2.18 3.65
N LEU C 113 19.85 3.18 3.13
CA LEU C 113 21.25 3.04 2.74
C LEU C 113 22.01 2.57 3.97
N GLY C 114 21.71 3.17 5.12
CA GLY C 114 22.39 2.78 6.34
C GLY C 114 22.11 1.35 6.71
N LYS C 115 20.86 0.92 6.54
CA LYS C 115 20.46 -0.46 6.85
C LYS C 115 21.00 -1.46 5.84
N GLN C 116 22.00 -1.01 5.08
CA GLN C 116 22.66 -1.78 4.05
C GLN C 116 21.67 -2.46 3.08
N VAL C 117 21.00 -1.66 2.26
CA VAL C 117 20.08 -2.26 1.29
C VAL C 117 20.91 -2.58 0.05
N ASP C 118 20.51 -3.63 -0.66
CA ASP C 118 21.25 -4.05 -1.83
C ASP C 118 20.87 -3.17 -3.00
N GLY C 119 19.80 -2.40 -2.83
CA GLY C 119 19.34 -1.50 -3.89
C GLY C 119 18.11 -0.71 -3.44
N ILE C 120 17.68 0.24 -4.25
CA ILE C 120 16.54 1.08 -3.90
C ILE C 120 15.64 1.41 -5.08
N VAL C 121 14.35 1.61 -4.82
CA VAL C 121 13.41 2.02 -5.87
C VAL C 121 12.79 3.31 -5.34
N PHE C 122 13.04 4.42 -6.02
CA PHE C 122 12.56 5.72 -5.57
C PHE C 122 11.40 6.22 -6.41
N MET C 123 10.27 6.43 -5.74
CA MET C 123 9.08 6.92 -6.38
C MET C 123 8.82 8.31 -5.86
N GLY C 124 9.50 9.27 -6.46
CA GLY C 124 9.36 10.65 -6.05
C GLY C 124 8.54 11.52 -6.98
N GLY C 125 8.26 12.72 -6.50
CA GLY C 125 7.47 13.67 -7.26
C GLY C 125 8.25 14.91 -7.59
N ASN C 126 9.33 15.14 -6.87
CA ASN C 126 10.15 16.29 -7.18
C ASN C 126 11.60 15.95 -6.92
N ILE C 127 12.20 15.30 -7.92
CA ILE C 127 13.60 14.88 -7.90
C ILE C 127 14.42 16.08 -8.32
N THR C 128 14.95 16.80 -7.34
CA THR C 128 15.74 17.97 -7.64
C THR C 128 17.16 17.58 -7.97
N ASP C 129 18.01 18.59 -8.08
CA ASP C 129 19.41 18.38 -8.38
C ASP C 129 20.02 17.81 -7.12
N GLU C 130 19.45 18.19 -5.99
CA GLU C 130 19.99 17.70 -4.74
C GLU C 130 19.78 16.20 -4.63
N HIS C 131 18.66 15.71 -5.14
CA HIS C 131 18.42 14.26 -5.08
C HIS C 131 19.49 13.53 -5.90
N VAL C 132 19.78 14.06 -7.08
CA VAL C 132 20.76 13.49 -7.98
C VAL C 132 22.06 13.25 -7.21
N ALA C 133 22.56 14.31 -6.57
CA ALA C 133 23.80 14.27 -5.80
C ALA C 133 23.75 13.17 -4.76
N GLU C 134 22.61 13.07 -4.09
CA GLU C 134 22.43 12.04 -3.07
C GLU C 134 22.40 10.68 -3.72
N PHE C 135 21.67 10.59 -4.83
CA PHE C 135 21.54 9.36 -5.58
C PHE C 135 22.92 8.86 -6.03
N LYS C 136 23.66 9.73 -6.73
CA LYS C 136 24.98 9.38 -7.23
C LYS C 136 25.90 8.89 -6.10
N ARG C 137 25.52 9.23 -4.86
CA ARG C 137 26.28 8.83 -3.66
C ARG C 137 25.89 7.47 -3.06
N SER C 138 24.90 6.80 -3.63
CA SER C 138 24.52 5.51 -3.10
C SER C 138 25.47 4.43 -3.60
N PRO C 139 25.93 3.56 -2.69
CA PRO C 139 26.85 2.46 -3.00
C PRO C 139 26.11 1.30 -3.70
N VAL C 140 24.78 1.38 -3.70
CA VAL C 140 23.95 0.37 -4.32
C VAL C 140 23.07 1.00 -5.39
N PRO C 141 22.56 0.18 -6.32
CA PRO C 141 21.69 0.63 -7.43
C PRO C 141 20.42 1.37 -6.99
N ILE C 142 20.08 2.44 -7.70
CA ILE C 142 18.85 3.17 -7.41
C ILE C 142 18.04 3.28 -8.72
N VAL C 143 16.80 2.81 -8.69
CA VAL C 143 15.91 2.86 -9.84
C VAL C 143 14.74 3.81 -9.53
N LEU C 144 14.26 4.53 -10.54
CA LEU C 144 13.15 5.44 -10.37
C LEU C 144 11.88 4.81 -10.94
N ALA C 145 10.77 4.94 -10.25
CA ALA C 145 9.53 4.37 -10.74
C ALA C 145 8.50 5.45 -10.98
N ALA C 146 7.94 5.45 -12.17
CA ALA C 146 6.88 6.39 -12.54
C ALA C 146 7.21 7.81 -12.10
N SER C 147 8.47 8.20 -12.23
CA SER C 147 8.84 9.54 -11.81
C SER C 147 9.47 10.34 -12.95
N VAL C 148 9.47 11.67 -12.83
CA VAL C 148 10.04 12.55 -13.84
C VAL C 148 11.27 13.24 -13.29
N GLU C 149 12.43 12.83 -13.81
CA GLU C 149 13.71 13.38 -13.42
C GLU C 149 14.31 14.08 -14.63
N GLU C 150 14.29 15.40 -14.58
CA GLU C 150 14.82 16.21 -15.67
C GLU C 150 16.25 15.80 -16.01
N GLN C 151 17.16 15.91 -15.04
CA GLN C 151 18.56 15.55 -15.25
C GLN C 151 18.78 14.30 -16.10
N GLU C 152 17.86 13.35 -16.06
CA GLU C 152 18.04 12.14 -16.86
C GLU C 152 19.33 11.43 -16.45
N GLU C 153 19.68 11.52 -15.16
CA GLU C 153 20.89 10.90 -14.62
C GLU C 153 20.67 9.53 -13.97
N THR C 154 19.56 9.37 -13.25
CA THR C 154 19.28 8.10 -12.61
C THR C 154 18.44 7.23 -13.51
N PRO C 155 18.70 5.91 -13.51
CA PRO C 155 17.91 5.02 -14.34
C PRO C 155 16.47 4.97 -13.85
N SER C 156 15.55 5.43 -14.69
CA SER C 156 14.12 5.44 -14.36
C SER C 156 13.37 4.43 -15.22
N VAL C 157 12.07 4.29 -14.94
CA VAL C 157 11.17 3.39 -15.67
C VAL C 157 9.79 4.01 -15.50
N ALA C 158 9.10 4.28 -16.60
CA ALA C 158 7.77 4.89 -16.58
C ALA C 158 7.24 4.95 -18.01
N ILE C 159 6.17 5.71 -18.22
CA ILE C 159 5.62 5.89 -19.57
C ILE C 159 5.89 7.33 -19.93
N ASP C 160 5.77 7.65 -21.22
CA ASP C 160 5.98 9.01 -21.68
C ASP C 160 4.76 9.84 -21.28
N TYR C 161 4.87 10.59 -20.19
CA TYR C 161 3.76 11.42 -19.71
C TYR C 161 3.50 12.60 -20.66
N GLU C 162 4.51 12.95 -21.44
CA GLU C 162 4.42 14.05 -22.40
C GLU C 162 3.57 13.54 -23.58
N GLN C 163 4.05 12.50 -24.25
CA GLN C 163 3.32 11.93 -25.38
C GLN C 163 1.99 11.34 -24.96
N ALA C 164 1.89 10.96 -23.69
CA ALA C 164 0.66 10.38 -23.16
C ALA C 164 -0.50 11.38 -23.16
N ILE C 165 -0.26 12.56 -22.59
CA ILE C 165 -1.31 13.58 -22.54
C ILE C 165 -1.59 14.08 -23.96
N TYR C 166 -0.58 14.03 -24.81
CA TYR C 166 -0.72 14.47 -26.20
C TYR C 166 -1.75 13.62 -26.93
N ASP C 167 -1.54 12.31 -26.91
CA ASP C 167 -2.44 11.35 -27.55
C ASP C 167 -3.89 11.66 -27.20
N ALA C 168 -4.12 11.94 -25.92
CA ALA C 168 -5.45 12.26 -25.39
C ALA C 168 -6.00 13.54 -25.98
N VAL C 169 -5.26 14.63 -25.78
CA VAL C 169 -5.66 15.92 -26.31
C VAL C 169 -6.01 15.73 -27.78
N LYS C 170 -5.14 15.04 -28.53
CA LYS C 170 -5.41 14.81 -29.94
C LYS C 170 -6.75 14.12 -30.10
N LEU C 171 -6.87 12.89 -29.58
CA LEU C 171 -8.13 12.16 -29.69
C LEU C 171 -9.33 13.04 -29.41
N LEU C 172 -9.18 13.98 -28.48
CA LEU C 172 -10.25 14.90 -28.13
C LEU C 172 -10.57 15.91 -29.25
N VAL C 173 -9.53 16.44 -29.89
CA VAL C 173 -9.71 17.39 -30.99
C VAL C 173 -10.15 16.57 -32.19
N ASP C 174 -9.60 15.36 -32.29
CA ASP C 174 -9.94 14.45 -33.37
C ASP C 174 -11.36 13.93 -33.23
N LYS C 175 -12.21 14.73 -32.59
CA LYS C 175 -13.60 14.37 -32.40
C LYS C 175 -14.46 15.63 -32.29
N GLY C 176 -13.93 16.73 -32.78
CA GLY C 176 -14.67 17.98 -32.75
C GLY C 176 -14.33 19.00 -31.68
N HIS C 177 -14.10 18.53 -30.45
CA HIS C 177 -13.80 19.43 -29.34
C HIS C 177 -12.78 20.52 -29.72
N THR C 178 -13.06 21.76 -29.32
CA THR C 178 -12.18 22.92 -29.60
C THR C 178 -11.80 23.62 -28.32
N ASP C 179 -12.73 23.65 -27.36
CA ASP C 179 -12.49 24.28 -26.07
C ASP C 179 -12.25 23.18 -25.03
N ILE C 180 -11.07 22.57 -25.07
CA ILE C 180 -10.72 21.51 -24.14
C ILE C 180 -9.87 22.01 -22.97
N ALA C 181 -10.24 21.56 -21.78
CA ALA C 181 -9.53 21.95 -20.58
C ALA C 181 -8.70 20.81 -19.98
N PHE C 182 -7.70 21.19 -19.22
CA PHE C 182 -6.81 20.24 -18.58
C PHE C 182 -6.71 20.55 -17.09
N VAL C 183 -7.19 19.63 -16.26
CA VAL C 183 -7.10 19.81 -14.82
C VAL C 183 -5.88 18.99 -14.43
N SER C 184 -4.77 19.67 -14.22
CA SER C 184 -3.53 18.99 -13.84
C SER C 184 -3.45 18.82 -12.34
N GLY C 185 -2.28 18.39 -11.86
CA GLY C 185 -2.10 18.21 -10.44
C GLY C 185 -1.20 19.33 -9.97
N PRO C 186 -0.66 19.27 -8.74
CA PRO C 186 0.22 20.35 -8.27
C PRO C 186 1.36 20.67 -9.23
N MET C 187 1.21 21.76 -9.98
CA MET C 187 2.20 22.21 -10.96
C MET C 187 3.60 22.24 -10.38
N ALA C 188 3.68 22.26 -9.05
CA ALA C 188 4.95 22.28 -8.38
C ALA C 188 5.75 21.03 -8.77
N GLU C 189 5.05 19.97 -9.19
CA GLU C 189 5.69 18.71 -9.60
C GLU C 189 6.11 18.75 -11.06
N PRO C 190 7.39 18.46 -11.34
CA PRO C 190 7.92 18.46 -12.71
C PRO C 190 7.16 17.55 -13.70
N ILE C 191 6.28 16.69 -13.19
CA ILE C 191 5.52 15.81 -14.09
C ILE C 191 4.24 16.49 -14.60
N ASN C 192 3.84 17.56 -13.93
CA ASN C 192 2.65 18.33 -14.30
C ASN C 192 3.03 19.52 -15.19
N ARG C 193 3.85 20.41 -14.64
CA ARG C 193 4.28 21.60 -15.34
C ARG C 193 5.19 21.36 -16.56
N SER C 194 5.96 20.28 -16.56
CA SER C 194 6.87 20.01 -17.66
C SER C 194 6.57 18.84 -18.58
N LYS C 195 5.70 17.93 -18.17
CA LYS C 195 5.41 16.80 -19.04
C LYS C 195 3.96 16.72 -19.48
N LYS C 196 3.04 16.73 -18.51
CA LYS C 196 1.61 16.64 -18.79
C LYS C 196 1.07 17.91 -19.43
N LEU C 197 1.53 19.04 -18.92
CA LEU C 197 1.09 20.34 -19.42
C LEU C 197 1.56 20.56 -20.86
N GLN C 198 2.85 20.28 -21.08
CA GLN C 198 3.43 20.45 -22.41
C GLN C 198 2.63 19.64 -23.43
N GLY C 199 2.51 18.34 -23.19
CA GLY C 199 1.74 17.50 -24.10
C GLY C 199 0.33 18.03 -24.33
N TYR C 200 -0.13 18.91 -23.45
CA TYR C 200 -1.46 19.50 -23.59
C TYR C 200 -1.37 20.73 -24.45
N LYS C 201 -0.44 21.62 -24.12
CA LYS C 201 -0.30 22.84 -24.90
C LYS C 201 0.27 22.55 -26.28
N ARG C 202 1.05 21.49 -26.38
CA ARG C 202 1.67 21.10 -27.64
C ARG C 202 0.60 20.61 -28.62
N ALA C 203 -0.17 19.62 -28.19
CA ALA C 203 -1.23 19.06 -29.03
C ALA C 203 -2.27 20.12 -29.40
N LEU C 204 -2.20 21.28 -28.78
CA LEU C 204 -3.15 22.35 -29.11
C LEU C 204 -2.60 23.21 -30.23
N GLU C 205 -1.42 23.80 -30.02
CA GLU C 205 -0.83 24.64 -31.05
C GLU C 205 -0.54 23.77 -32.26
N GLU C 206 -0.59 22.46 -32.06
CA GLU C 206 -0.37 21.49 -33.14
C GLU C 206 -1.67 21.29 -33.93
N ALA C 207 -2.77 21.78 -33.37
CA ALA C 207 -4.08 21.68 -34.00
C ALA C 207 -4.62 23.09 -34.21
N ASN C 208 -3.70 24.07 -34.17
CA ASN C 208 -3.99 25.50 -34.34
C ASN C 208 -4.74 26.14 -33.17
N LEU C 209 -5.59 25.34 -32.54
CA LEU C 209 -6.39 25.77 -31.39
C LEU C 209 -5.56 26.63 -30.43
N PRO C 210 -6.00 27.87 -30.17
CA PRO C 210 -5.31 28.81 -29.27
C PRO C 210 -5.29 28.38 -27.80
N PHE C 211 -4.10 28.40 -27.21
CA PHE C 211 -3.97 28.01 -25.82
C PHE C 211 -4.81 28.87 -24.89
N ASN C 212 -5.77 28.23 -24.22
CA ASN C 212 -6.65 28.92 -23.30
C ASN C 212 -6.06 28.88 -21.89
N GLU C 213 -5.41 29.97 -21.49
CA GLU C 213 -4.77 30.08 -20.18
C GLU C 213 -5.73 30.08 -18.99
N GLN C 214 -6.96 29.62 -19.22
CA GLN C 214 -7.97 29.53 -18.19
C GLN C 214 -8.62 28.14 -18.20
N PHE C 215 -8.13 27.28 -19.09
CA PHE C 215 -8.62 25.90 -19.19
C PHE C 215 -7.66 24.97 -18.47
N VAL C 216 -6.65 25.57 -17.84
CA VAL C 216 -5.67 24.81 -17.11
C VAL C 216 -5.94 24.96 -15.62
N ALA C 217 -6.69 24.00 -15.10
CA ALA C 217 -7.04 23.96 -13.69
C ALA C 217 -5.97 23.16 -12.94
N GLU C 218 -5.68 23.58 -11.71
CA GLU C 218 -4.66 22.91 -10.91
C GLU C 218 -5.24 22.21 -9.69
N GLY C 219 -5.44 20.89 -9.82
CA GLY C 219 -5.99 20.11 -8.71
C GLY C 219 -4.89 19.52 -7.83
N ASP C 220 -5.18 18.41 -7.18
CA ASP C 220 -4.20 17.76 -6.33
C ASP C 220 -4.40 16.25 -6.22
N TYR C 221 -5.02 15.68 -7.25
CA TYR C 221 -5.29 14.24 -7.33
C TYR C 221 -6.47 13.86 -6.46
N THR C 222 -6.96 14.81 -5.65
CA THR C 222 -8.09 14.56 -4.74
C THR C 222 -9.42 14.43 -5.44
N TYR C 223 -10.35 13.74 -4.80
CA TYR C 223 -11.68 13.57 -5.38
C TYR C 223 -12.45 14.89 -5.27
N ASP C 224 -12.12 15.68 -4.25
CA ASP C 224 -12.78 16.97 -4.01
C ASP C 224 -12.17 18.06 -4.88
N SER C 225 -10.85 18.10 -4.99
CA SER C 225 -10.17 19.12 -5.79
C SER C 225 -10.62 19.03 -7.24
N GLY C 226 -11.12 17.86 -7.61
CA GLY C 226 -11.61 17.63 -8.95
C GLY C 226 -13.04 18.10 -9.02
N LEU C 227 -13.75 17.97 -7.90
CA LEU C 227 -15.13 18.42 -7.85
C LEU C 227 -15.11 19.93 -8.06
N GLU C 228 -14.31 20.63 -7.25
CA GLU C 228 -14.16 22.09 -7.32
C GLU C 228 -13.45 22.55 -8.59
N ALA C 229 -12.83 21.62 -9.31
CA ALA C 229 -12.13 21.96 -10.52
C ALA C 229 -13.16 22.16 -11.63
N LEU C 230 -14.20 21.34 -11.63
CA LEU C 230 -15.26 21.44 -12.64
C LEU C 230 -16.24 22.58 -12.34
N GLN C 231 -16.33 23.00 -11.08
CA GLN C 231 -17.22 24.08 -10.69
C GLN C 231 -16.61 25.44 -11.09
N HIS C 232 -15.29 25.53 -11.04
CA HIS C 232 -14.58 26.75 -11.39
C HIS C 232 -14.64 26.94 -12.89
N LEU C 233 -14.42 25.85 -13.63
CA LEU C 233 -14.44 25.90 -15.09
C LEU C 233 -15.78 26.25 -15.71
N MET C 234 -16.85 25.67 -15.17
CA MET C 234 -18.19 25.94 -15.67
C MET C 234 -18.73 27.24 -15.04
N SER C 235 -17.79 28.17 -14.79
CA SER C 235 -18.09 29.46 -14.21
C SER C 235 -17.77 30.56 -15.23
N LEU C 236 -16.69 30.37 -15.96
CA LEU C 236 -16.28 31.34 -16.99
C LEU C 236 -17.33 31.40 -18.09
N ASP C 237 -17.17 32.39 -18.96
CA ASP C 237 -18.07 32.56 -20.09
C ASP C 237 -17.75 31.46 -21.12
N LYS C 238 -16.49 31.43 -21.57
CA LYS C 238 -16.03 30.44 -22.53
C LYS C 238 -15.78 29.09 -21.86
N LYS C 239 -16.86 28.45 -21.43
CA LYS C 239 -16.77 27.15 -20.76
C LYS C 239 -16.39 26.03 -21.73
N PRO C 240 -15.43 25.17 -21.32
CA PRO C 240 -14.91 24.03 -22.07
C PRO C 240 -15.96 23.05 -22.59
N THR C 241 -15.64 22.42 -23.72
CA THR C 241 -16.50 21.45 -24.36
C THR C 241 -16.17 20.08 -23.80
N ALA C 242 -14.89 19.88 -23.47
CA ALA C 242 -14.39 18.62 -22.90
C ALA C 242 -13.24 18.92 -21.95
N ILE C 243 -13.10 18.09 -20.92
CA ILE C 243 -12.04 18.29 -19.94
C ILE C 243 -11.20 17.04 -19.74
N LEU C 244 -9.89 17.25 -19.60
CA LEU C 244 -8.95 16.17 -19.39
C LEU C 244 -8.33 16.28 -17.99
N SER C 245 -8.55 15.25 -17.17
CA SER C 245 -8.04 15.20 -15.81
C SER C 245 -6.71 14.48 -15.73
N ALA C 246 -5.78 15.03 -14.97
CA ALA C 246 -4.47 14.43 -14.83
C ALA C 246 -4.50 12.99 -14.28
N THR C 247 -5.55 12.65 -13.52
CA THR C 247 -5.69 11.29 -12.93
C THR C 247 -7.14 10.85 -12.87
N ASP C 248 -7.38 9.65 -12.33
CA ASP C 248 -8.74 9.12 -12.21
C ASP C 248 -9.53 9.70 -11.05
N GLU C 249 -8.84 9.93 -9.94
CA GLU C 249 -9.50 10.48 -8.78
C GLU C 249 -9.97 11.91 -9.02
N MET C 250 -9.29 12.64 -9.90
CA MET C 250 -9.72 14.01 -10.22
C MET C 250 -10.79 13.92 -11.31
N ALA C 251 -10.68 12.89 -12.14
CA ALA C 251 -11.62 12.68 -13.22
C ALA C 251 -12.99 12.34 -12.65
N LEU C 252 -13.03 11.43 -11.69
CA LEU C 252 -14.30 11.07 -11.08
C LEU C 252 -14.93 12.29 -10.38
N GLY C 253 -14.11 13.07 -9.70
CA GLY C 253 -14.61 14.25 -9.03
C GLY C 253 -15.32 15.14 -10.03
N ILE C 254 -14.76 15.23 -11.23
CA ILE C 254 -15.30 16.03 -12.32
C ILE C 254 -16.65 15.52 -12.84
N ILE C 255 -16.74 14.22 -13.13
CA ILE C 255 -17.97 13.62 -13.63
C ILE C 255 -19.13 13.92 -12.70
N HIS C 256 -18.91 13.65 -11.42
CA HIS C 256 -19.91 13.86 -10.39
C HIS C 256 -20.24 15.35 -10.16
N ALA C 257 -19.22 16.21 -10.22
CA ALA C 257 -19.40 17.65 -10.04
C ALA C 257 -20.36 18.21 -11.09
N ALA C 258 -20.29 17.64 -12.29
CA ALA C 258 -21.15 18.05 -13.40
C ALA C 258 -22.57 17.57 -13.14
N GLN C 259 -22.73 16.28 -12.84
CA GLN C 259 -24.04 15.71 -12.56
C GLN C 259 -24.69 16.43 -11.37
N ASP C 260 -23.85 16.96 -10.50
CA ASP C 260 -24.29 17.71 -9.31
C ASP C 260 -24.81 19.07 -9.76
N GLN C 261 -24.52 19.42 -11.01
CA GLN C 261 -24.98 20.68 -11.56
C GLN C 261 -26.00 20.38 -12.65
N GLY C 262 -26.56 19.17 -12.57
CA GLY C 262 -27.58 18.75 -13.53
C GLY C 262 -27.00 18.26 -14.85
N LEU C 263 -25.74 18.64 -15.10
CA LEU C 263 -25.05 18.25 -16.33
C LEU C 263 -25.10 16.73 -16.49
N SER C 264 -25.12 16.25 -17.73
CA SER C 264 -25.17 14.81 -17.98
C SER C 264 -23.90 14.35 -18.72
N ILE C 265 -23.44 13.15 -18.43
CA ILE C 265 -22.24 12.61 -19.08
C ILE C 265 -22.59 11.38 -19.93
N PRO C 266 -22.00 11.28 -21.13
CA PRO C 266 -21.08 12.27 -21.73
C PRO C 266 -21.77 13.33 -22.58
N GLU C 267 -23.11 13.31 -22.53
CA GLU C 267 -23.97 14.23 -23.28
C GLU C 267 -23.49 15.69 -23.30
N ASP C 268 -23.39 16.28 -22.11
CA ASP C 268 -22.96 17.67 -21.94
C ASP C 268 -21.45 17.84 -22.19
N LEU C 269 -20.63 17.07 -21.47
CA LEU C 269 -19.17 17.14 -21.59
C LEU C 269 -18.49 15.78 -21.76
N ASP C 270 -17.24 15.81 -22.24
CA ASP C 270 -16.43 14.61 -22.44
C ASP C 270 -15.19 14.65 -21.56
N ILE C 271 -15.11 13.70 -20.65
CA ILE C 271 -13.99 13.63 -19.70
C ILE C 271 -13.07 12.44 -19.99
N ILE C 272 -11.79 12.61 -19.69
CA ILE C 272 -10.84 11.54 -19.85
C ILE C 272 -9.84 11.62 -18.70
N GLY C 273 -9.81 10.55 -17.92
CA GLY C 273 -8.91 10.48 -16.77
C GLY C 273 -7.56 9.89 -17.12
N PHE C 274 -6.77 9.62 -16.08
CA PHE C 274 -5.44 9.09 -16.28
C PHE C 274 -5.10 7.98 -15.27
N ASP C 275 -4.06 7.21 -15.57
CA ASP C 275 -3.59 6.11 -14.71
C ASP C 275 -4.40 4.83 -14.96
N ASN C 276 -5.71 4.96 -15.15
CA ASN C 276 -6.58 3.80 -15.39
C ASN C 276 -6.64 2.84 -14.18
N THR C 277 -6.97 3.36 -12.99
CA THR C 277 -7.05 2.54 -11.76
C THR C 277 -8.43 1.91 -11.59
N ARG C 278 -8.56 1.02 -10.61
CA ARG C 278 -9.85 0.38 -10.38
C ARG C 278 -10.95 1.41 -10.36
N LEU C 279 -10.63 2.64 -9.95
CA LEU C 279 -11.60 3.73 -9.88
C LEU C 279 -12.26 4.07 -11.19
N SER C 280 -11.47 4.17 -12.25
CA SER C 280 -12.01 4.46 -13.58
C SER C 280 -12.71 3.23 -14.14
N LEU C 281 -13.63 2.64 -13.37
CA LEU C 281 -14.32 1.47 -13.84
C LEU C 281 -15.43 1.14 -12.86
N MET C 282 -15.38 1.82 -11.70
CA MET C 282 -16.38 1.66 -10.64
C MET C 282 -17.18 2.95 -10.58
N VAL C 283 -17.47 3.51 -11.75
CA VAL C 283 -18.25 4.75 -11.80
C VAL C 283 -19.34 4.61 -12.86
N ARG C 284 -20.36 5.47 -12.78
CA ARG C 284 -21.45 5.48 -13.73
C ARG C 284 -21.58 6.94 -14.20
N PRO C 285 -21.16 7.23 -15.45
CA PRO C 285 -20.66 6.25 -16.40
C PRO C 285 -19.19 5.90 -16.12
N GLN C 286 -18.68 4.89 -16.81
CA GLN C 286 -17.30 4.45 -16.65
C GLN C 286 -16.31 5.42 -17.27
N LEU C 287 -15.26 5.73 -16.52
CA LEU C 287 -14.22 6.68 -16.91
C LEU C 287 -13.25 6.26 -18.02
N SER C 288 -13.14 7.10 -19.05
CA SER C 288 -12.21 6.86 -20.15
C SER C 288 -10.85 7.32 -19.61
N THR C 289 -9.78 6.65 -20.00
CA THR C 289 -8.48 7.04 -19.49
C THR C 289 -7.29 6.60 -20.31
N VAL C 290 -6.19 7.32 -20.11
CA VAL C 290 -4.94 6.99 -20.78
C VAL C 290 -4.39 5.88 -19.91
N VAL C 291 -4.47 4.65 -20.40
CA VAL C 291 -3.99 3.48 -19.69
C VAL C 291 -2.51 3.58 -19.30
N GLN C 292 -2.20 3.42 -18.01
CA GLN C 292 -0.81 3.44 -17.53
C GLN C 292 -0.57 2.12 -16.79
N PRO C 293 0.34 1.26 -17.31
CA PRO C 293 0.63 -0.03 -16.69
C PRO C 293 1.28 0.14 -15.34
N THR C 294 0.54 0.72 -14.40
CA THR C 294 1.14 0.95 -13.11
C THR C 294 1.87 -0.28 -12.59
N TYR C 295 1.22 -1.43 -12.46
CA TYR C 295 1.93 -2.61 -11.99
C TYR C 295 3.19 -2.85 -12.81
N ASP C 296 3.08 -2.82 -14.15
CA ASP C 296 4.24 -3.07 -15.01
C ASP C 296 5.34 -2.07 -14.77
N ILE C 297 4.99 -0.83 -14.48
CA ILE C 297 5.99 0.22 -14.21
C ILE C 297 6.83 -0.17 -12.97
N GLY C 298 6.17 -0.66 -11.92
CA GLY C 298 6.88 -1.06 -10.72
C GLY C 298 7.63 -2.37 -10.89
N ALA C 299 6.96 -3.37 -11.46
CA ALA C 299 7.55 -4.68 -11.67
C ALA C 299 8.78 -4.61 -12.55
N VAL C 300 8.72 -3.79 -13.58
CA VAL C 300 9.85 -3.59 -14.50
C VAL C 300 10.98 -2.91 -13.71
N ALA C 301 10.63 -1.83 -13.01
CA ALA C 301 11.57 -1.09 -12.19
C ALA C 301 12.33 -2.05 -11.31
N MET C 302 11.61 -2.90 -10.61
CA MET C 302 12.26 -3.84 -9.72
C MET C 302 13.10 -4.81 -10.52
N ARG C 303 12.63 -5.19 -11.71
CA ARG C 303 13.41 -6.12 -12.52
C ARG C 303 14.77 -5.50 -12.88
N LEU C 304 14.71 -4.31 -13.48
CA LEU C 304 15.90 -3.55 -13.87
C LEU C 304 16.85 -3.41 -12.69
N LEU C 305 16.30 -3.13 -11.51
CA LEU C 305 17.13 -3.01 -10.32
C LEU C 305 17.90 -4.32 -10.10
N THR C 306 17.20 -5.45 -10.19
CA THR C 306 17.80 -6.76 -9.98
C THR C 306 19.04 -6.91 -10.84
N LYS C 307 18.98 -6.36 -12.02
CA LYS C 307 20.09 -6.42 -12.93
C LYS C 307 21.26 -5.63 -12.36
N LEU C 308 21.08 -4.33 -12.21
CA LEU C 308 22.13 -3.45 -11.67
C LEU C 308 22.78 -4.00 -10.39
N MET C 309 21.95 -4.56 -9.51
CA MET C 309 22.38 -5.16 -8.25
C MET C 309 23.28 -6.34 -8.51
N ASN C 310 23.14 -6.93 -9.69
CA ASN C 310 23.98 -8.06 -10.04
C ASN C 310 25.08 -7.63 -11.00
N LYS C 311 25.35 -6.33 -11.03
CA LYS C 311 26.38 -5.78 -11.88
C LYS C 311 26.20 -6.21 -13.35
N GLU C 312 25.24 -7.09 -13.63
CA GLU C 312 25.08 -7.54 -15.01
C GLU C 312 24.80 -6.36 -15.95
N PRO C 313 25.47 -6.34 -17.12
CA PRO C 313 25.30 -5.28 -18.11
C PRO C 313 23.84 -5.03 -18.44
N VAL C 314 23.50 -3.77 -18.62
CA VAL C 314 22.12 -3.41 -18.93
C VAL C 314 22.08 -2.28 -19.94
N GLU C 315 21.58 -2.61 -21.14
CA GLU C 315 21.44 -1.65 -22.23
C GLU C 315 20.38 -0.61 -21.92
N GLU C 316 20.79 0.65 -21.92
CA GLU C 316 19.86 1.72 -21.62
C GLU C 316 19.27 1.59 -20.22
N HIS C 317 19.48 2.63 -19.43
CA HIS C 317 19.02 2.69 -18.05
C HIS C 317 17.63 3.28 -17.95
N ILE C 318 17.36 4.27 -18.78
CA ILE C 318 16.05 4.89 -18.78
C ILE C 318 15.18 3.99 -19.66
N VAL C 319 14.07 3.51 -19.08
CA VAL C 319 13.13 2.61 -19.76
C VAL C 319 11.76 3.28 -19.91
N GLU C 320 11.11 3.05 -21.04
CA GLU C 320 9.80 3.63 -21.25
C GLU C 320 8.83 2.55 -21.64
N LEU C 321 7.76 2.41 -20.87
CA LEU C 321 6.76 1.41 -21.17
C LEU C 321 5.68 2.04 -22.03
N PRO C 322 5.08 1.21 -22.91
CA PRO C 322 4.03 1.62 -23.83
C PRO C 322 2.71 1.98 -23.15
N HIS C 323 2.11 3.07 -23.60
CA HIS C 323 0.82 3.52 -23.06
C HIS C 323 -0.23 3.54 -24.17
N ARG C 324 -1.49 3.56 -23.76
CA ARG C 324 -2.61 3.59 -24.71
C ARG C 324 -3.81 4.31 -24.10
N ILE C 325 -4.85 4.49 -24.91
CA ILE C 325 -6.07 5.16 -24.47
C ILE C 325 -7.26 4.20 -24.49
N GLU C 326 -7.94 4.09 -23.35
CA GLU C 326 -9.11 3.22 -23.23
C GLU C 326 -10.35 4.03 -22.90
N LEU C 327 -11.26 4.12 -23.86
CA LEU C 327 -12.50 4.86 -23.69
C LEU C 327 -13.57 3.94 -23.16
N ARG C 328 -14.37 4.48 -22.24
CA ARG C 328 -15.45 3.73 -21.61
C ARG C 328 -16.83 4.33 -21.90
N LYS C 329 -17.19 5.39 -21.16
CA LYS C 329 -18.48 6.05 -21.31
C LYS C 329 -18.44 7.55 -21.06
N SER C 330 -17.34 8.05 -20.48
CA SER C 330 -17.22 9.48 -20.20
C SER C 330 -16.90 10.29 -21.46
N THR C 331 -17.00 9.62 -22.61
CA THR C 331 -16.75 10.25 -23.91
C THR C 331 -17.77 9.71 -24.91
N LYS C 332 -18.26 10.58 -25.80
CA LYS C 332 -19.25 10.21 -26.80
C LYS C 332 -18.70 9.32 -27.91
N ALA D 1 8.88 -26.32 -30.57
CA ALA D 1 7.52 -26.57 -30.03
C ALA D 1 6.79 -25.27 -29.74
N GLN D 2 5.85 -24.90 -30.59
CA GLN D 2 5.11 -23.64 -30.40
C GLN D 2 3.61 -23.74 -30.55
N LYS D 3 2.97 -22.58 -30.54
CA LYS D 3 1.52 -22.48 -30.64
C LYS D 3 1.08 -21.03 -30.47
N THR D 4 0.17 -20.58 -31.33
CA THR D 4 -0.35 -19.22 -31.27
C THR D 4 -1.56 -19.15 -30.37
N PHE D 5 -1.80 -17.97 -29.81
CA PHE D 5 -2.93 -17.75 -28.93
C PHE D 5 -3.56 -16.43 -29.30
N LYS D 6 -4.82 -16.25 -28.92
CA LYS D 6 -5.51 -15.00 -29.18
C LYS D 6 -5.90 -14.38 -27.85
N VAL D 7 -5.03 -13.47 -27.38
CA VAL D 7 -5.20 -12.78 -26.11
C VAL D 7 -6.65 -12.48 -25.72
N THR D 8 -7.24 -13.42 -24.99
CA THR D 8 -8.63 -13.29 -24.54
C THR D 8 -8.69 -12.34 -23.37
N ALA D 9 -7.55 -12.18 -22.70
CA ALA D 9 -7.46 -11.30 -21.54
C ALA D 9 -8.12 -9.97 -21.83
N ASP D 10 -8.74 -9.42 -20.79
CA ASP D 10 -9.43 -8.14 -20.90
C ASP D 10 -8.42 -6.99 -20.96
N SER D 11 -7.32 -7.15 -20.23
CA SER D 11 -6.27 -6.15 -20.15
C SER D 11 -5.02 -6.53 -20.95
N GLY D 12 -4.96 -7.79 -21.37
CA GLY D 12 -3.81 -8.27 -22.12
C GLY D 12 -2.77 -8.87 -21.20
N ILE D 13 -1.50 -8.90 -21.66
CA ILE D 13 -0.41 -9.42 -20.83
C ILE D 13 0.16 -8.21 -20.08
N HIS D 14 -0.23 -8.11 -18.80
CA HIS D 14 0.18 -7.04 -17.89
C HIS D 14 -0.07 -7.52 -16.45
N ALA D 15 0.02 -6.62 -15.48
CA ALA D 15 -0.20 -6.92 -14.06
C ALA D 15 0.33 -8.28 -13.59
N ARG D 16 -0.34 -8.84 -12.58
CA ARG D 16 0.08 -10.13 -12.03
C ARG D 16 0.08 -11.28 -13.03
N PRO D 17 -1.01 -11.46 -13.79
CA PRO D 17 -1.10 -12.53 -14.78
C PRO D 17 0.16 -12.64 -15.61
N ALA D 18 0.59 -11.49 -16.12
CA ALA D 18 1.80 -11.37 -16.93
C ALA D 18 2.93 -12.00 -16.15
N THR D 19 3.00 -11.64 -14.87
CA THR D 19 4.01 -12.15 -13.98
C THR D 19 3.89 -13.65 -13.85
N VAL D 20 2.65 -14.12 -13.83
CA VAL D 20 2.34 -15.54 -13.72
C VAL D 20 2.87 -16.33 -14.93
N LEU D 21 2.60 -15.81 -16.11
CA LEU D 21 3.06 -16.44 -17.34
C LEU D 21 4.59 -16.46 -17.36
N VAL D 22 5.21 -15.29 -17.26
CA VAL D 22 6.66 -15.15 -17.26
C VAL D 22 7.36 -16.14 -16.32
N GLN D 23 6.78 -16.33 -15.13
CA GLN D 23 7.33 -17.22 -14.11
C GLN D 23 7.21 -18.69 -14.52
N THR D 24 6.06 -19.03 -15.09
CA THR D 24 5.80 -20.39 -15.55
C THR D 24 6.90 -20.84 -16.50
N ALA D 25 7.33 -19.91 -17.34
CA ALA D 25 8.39 -20.18 -18.31
C ALA D 25 9.72 -20.43 -17.62
N SER D 26 9.95 -19.70 -16.54
CA SER D 26 11.18 -19.81 -15.79
C SER D 26 11.25 -21.12 -15.06
N LYS D 27 10.12 -21.81 -14.98
CA LYS D 27 10.06 -23.09 -14.31
C LYS D 27 10.83 -24.17 -15.08
N TYR D 28 11.04 -23.97 -16.38
CA TYR D 28 11.72 -24.98 -17.20
C TYR D 28 13.09 -24.59 -17.77
N ASP D 29 13.93 -25.60 -17.97
CA ASP D 29 15.28 -25.44 -18.51
C ASP D 29 15.24 -24.96 -19.97
N ALA D 30 14.23 -25.43 -20.71
CA ALA D 30 14.04 -25.06 -22.12
C ALA D 30 14.15 -23.55 -22.36
N ASP D 31 14.45 -23.16 -23.60
CA ASP D 31 14.59 -21.76 -23.93
C ASP D 31 13.27 -21.15 -24.41
N VAL D 32 12.29 -21.14 -23.52
CA VAL D 32 10.98 -20.58 -23.84
C VAL D 32 11.13 -19.15 -24.37
N ASN D 33 10.40 -18.84 -25.44
CA ASN D 33 10.45 -17.51 -26.04
C ASN D 33 9.05 -17.07 -26.45
N LEU D 34 8.86 -15.79 -26.68
CA LEU D 34 7.57 -15.28 -27.12
C LEU D 34 7.75 -14.33 -28.29
N GLU D 35 6.87 -14.46 -29.29
CA GLU D 35 6.92 -13.60 -30.47
C GLU D 35 5.65 -12.74 -30.52
N TYR D 36 5.79 -11.50 -30.96
CA TYR D 36 4.65 -10.61 -31.08
C TYR D 36 4.91 -9.47 -32.03
N ASN D 37 4.03 -9.34 -33.02
CA ASN D 37 4.10 -8.29 -34.02
C ASN D 37 5.52 -8.14 -34.55
N GLY D 38 6.15 -9.26 -34.85
CA GLY D 38 7.51 -9.21 -35.37
C GLY D 38 8.50 -8.72 -34.34
N LYS D 39 8.63 -9.50 -33.26
CA LYS D 39 9.53 -9.18 -32.18
C LYS D 39 9.50 -10.35 -31.21
N THR D 40 10.66 -10.97 -31.00
CA THR D 40 10.75 -12.11 -30.10
C THR D 40 11.54 -11.78 -28.83
N VAL D 41 10.87 -11.92 -27.68
CA VAL D 41 11.41 -11.64 -26.36
C VAL D 41 11.40 -12.92 -25.51
N ASN D 42 12.33 -13.03 -24.56
CA ASN D 42 12.35 -14.21 -23.69
C ASN D 42 11.09 -14.19 -22.80
N LEU D 43 10.38 -15.31 -22.75
CA LEU D 43 9.15 -15.36 -21.95
C LEU D 43 9.49 -15.46 -20.47
N LYS D 44 10.78 -15.61 -20.19
CA LYS D 44 11.28 -15.72 -18.82
C LYS D 44 11.84 -14.37 -18.34
N SEP D 45 11.60 -13.33 -19.13
CA SEP D 45 12.10 -12.02 -18.79
CB SEP D 45 12.94 -11.50 -19.93
OG SEP D 45 13.18 -10.12 -19.79
C SEP D 45 11.00 -11.00 -18.52
O SEP D 45 10.44 -10.42 -19.46
P SEP D 45 14.28 -9.60 -18.76
O1P SEP D 45 15.26 -10.72 -18.65
O2P SEP D 45 15.06 -8.49 -19.37
O3P SEP D 45 13.59 -9.05 -17.58
N ILE D 46 10.69 -10.76 -17.25
CA ILE D 46 9.65 -9.79 -16.91
C ILE D 46 9.76 -8.55 -17.79
N MET D 47 10.97 -8.08 -18.05
CA MET D 47 11.14 -6.87 -18.88
C MET D 47 10.78 -7.02 -20.36
N GLY D 48 11.35 -8.04 -21.02
CA GLY D 48 11.05 -8.27 -22.42
C GLY D 48 9.55 -8.34 -22.71
N VAL D 49 8.85 -9.17 -21.95
CA VAL D 49 7.41 -9.34 -22.11
C VAL D 49 6.65 -8.04 -21.89
N MET D 50 6.77 -7.47 -20.70
CA MET D 50 6.06 -6.24 -20.37
C MET D 50 6.47 -5.04 -21.17
N SER D 51 7.48 -5.20 -22.00
CA SER D 51 7.92 -4.09 -22.80
C SER D 51 7.19 -4.07 -24.15
N LEU D 52 6.68 -5.24 -24.55
CA LEU D 52 5.95 -5.38 -25.82
C LEU D 52 4.58 -4.70 -25.77
N GLY D 53 4.06 -4.51 -24.55
CA GLY D 53 2.78 -3.86 -24.38
C GLY D 53 1.64 -4.57 -25.08
N ILE D 54 1.33 -5.78 -24.63
CA ILE D 54 0.25 -6.58 -25.21
C ILE D 54 -1.10 -6.03 -24.75
N ALA D 55 -2.16 -6.45 -25.42
CA ALA D 55 -3.53 -6.03 -25.09
C ALA D 55 -4.53 -6.99 -25.75
N LYS D 56 -5.78 -6.97 -25.28
CA LYS D 56 -6.83 -7.83 -25.84
C LYS D 56 -6.77 -7.81 -27.36
N GLY D 57 -6.99 -8.96 -27.99
CA GLY D 57 -6.94 -9.02 -29.45
C GLY D 57 -5.66 -9.62 -29.97
N ALA D 58 -4.78 -8.78 -30.53
CA ALA D 58 -3.50 -9.22 -31.10
C ALA D 58 -3.09 -10.62 -30.63
N GLU D 59 -2.78 -11.48 -31.60
CA GLU D 59 -2.38 -12.85 -31.29
C GLU D 59 -0.87 -12.96 -31.14
N ILE D 60 -0.44 -13.93 -30.34
CA ILE D 60 0.98 -14.16 -30.05
C ILE D 60 1.43 -15.60 -30.31
N THR D 61 2.74 -15.81 -30.36
CA THR D 61 3.31 -17.13 -30.61
C THR D 61 4.36 -17.48 -29.53
N ILE D 62 4.04 -18.45 -28.69
CA ILE D 62 4.94 -18.85 -27.63
C ILE D 62 5.86 -19.98 -28.09
N SER D 63 7.13 -19.65 -28.30
CA SER D 63 8.14 -20.61 -28.74
C SER D 63 8.60 -21.48 -27.58
N ALA D 64 9.57 -22.36 -27.84
CA ALA D 64 10.13 -23.27 -26.85
C ALA D 64 11.09 -24.22 -27.53
N SER D 65 12.14 -24.63 -26.84
CA SER D 65 13.13 -25.57 -27.38
C SER D 65 14.14 -26.02 -26.33
N GLY D 66 13.93 -27.22 -25.78
CA GLY D 66 14.84 -27.74 -24.78
C GLY D 66 14.52 -29.18 -24.39
N ALA D 67 15.34 -29.75 -23.52
CA ALA D 67 15.12 -31.13 -23.10
C ALA D 67 13.75 -31.30 -22.44
N ASP D 68 12.96 -30.25 -22.38
CA ASP D 68 11.64 -30.35 -21.77
C ASP D 68 10.67 -29.34 -22.38
N GLU D 69 10.93 -28.99 -23.64
CA GLU D 69 10.10 -28.03 -24.36
C GLU D 69 8.65 -28.51 -24.45
N ASN D 70 8.44 -29.78 -24.14
CA ASN D 70 7.10 -30.34 -24.18
C ASN D 70 6.30 -29.93 -22.96
N ASP D 71 6.65 -30.47 -21.80
CA ASP D 71 5.94 -30.16 -20.55
C ASP D 71 5.85 -28.64 -20.37
N ALA D 72 6.85 -27.94 -20.90
CA ALA D 72 6.93 -26.49 -20.80
C ALA D 72 5.78 -25.81 -21.55
N LEU D 73 5.66 -26.11 -22.84
CA LEU D 73 4.60 -25.54 -23.65
C LEU D 73 3.24 -25.92 -23.07
N ASN D 74 3.17 -27.06 -22.41
CA ASN D 74 1.92 -27.49 -21.78
C ASN D 74 1.59 -26.57 -20.62
N ALA D 75 2.54 -26.44 -19.70
CA ALA D 75 2.36 -25.59 -18.54
C ALA D 75 1.98 -24.18 -18.98
N LEU D 76 2.77 -23.61 -19.89
CA LEU D 76 2.49 -22.27 -20.39
C LEU D 76 1.04 -22.12 -20.84
N GLU D 77 0.51 -23.20 -21.41
CA GLU D 77 -0.88 -23.20 -21.87
C GLU D 77 -1.76 -23.10 -20.64
N GLU D 78 -1.56 -23.99 -19.68
CA GLU D 78 -2.36 -23.99 -18.47
C GLU D 78 -2.59 -22.56 -18.00
N THR D 79 -1.53 -21.93 -17.52
CA THR D 79 -1.62 -20.56 -17.03
C THR D 79 -2.22 -19.62 -18.08
N MET D 80 -1.87 -19.81 -19.36
CA MET D 80 -2.41 -18.95 -20.41
C MET D 80 -3.94 -18.91 -20.35
N LYS D 81 -4.54 -20.03 -19.95
CA LYS D 81 -5.99 -20.12 -19.85
C LYS D 81 -6.46 -20.01 -18.40
N SER D 82 -5.50 -20.01 -17.48
CA SER D 82 -5.82 -19.89 -16.06
C SER D 82 -6.09 -18.43 -15.71
N GLU D 83 -5.39 -17.54 -16.39
CA GLU D 83 -5.56 -16.10 -16.17
C GLU D 83 -6.28 -15.47 -17.35
N GLY D 84 -6.98 -16.30 -18.10
CA GLY D 84 -7.72 -15.82 -19.25
C GLY D 84 -6.88 -15.00 -20.18
N LEU D 85 -5.69 -15.50 -20.49
CA LEU D 85 -4.78 -14.81 -21.39
C LEU D 85 -4.75 -15.61 -22.69
N GLY D 86 -5.65 -15.27 -23.61
CA GLY D 86 -5.70 -15.96 -24.89
C GLY D 86 -6.01 -17.45 -24.89
N GLU D 87 -5.87 -18.06 -26.07
CA GLU D 87 -6.14 -19.48 -26.25
C GLU D 87 -5.97 -19.92 -27.72
#